data_4B4M
#
_entry.id   4B4M
#
_cell.length_a   64.160
_cell.length_b   153.960
_cell.length_c   134.750
_cell.angle_alpha   90.00
_cell.angle_beta   92.38
_cell.angle_gamma   90.00
#
_symmetry.space_group_name_H-M   'C 1 2 1'
#
loop_
_entity.id
_entity.type
_entity.pdbx_description
1 polymer 'GLUCOSE-1-PHOSPHATE THYMIDYLYLTRANSFERASE'
2 non-polymer N-(6-amino-1-benzyl-2,4-dioxo-1,2,3,4-tetrahydropyrimidin-5-yl)-4-fluoro-N-methylbenzenesulfonamide
3 non-polymer 'CHLORIDE ION'
4 non-polymer '2-(N-MORPHOLINO)-ETHANESULFONIC ACID'
5 water water
#
_entity_poly.entity_id   1
_entity_poly.type   'polypeptide(L)'
_entity_poly.pdbx_seq_one_letter_code
;HHHHHHGSMAMKRKGIILAGGSGTRLHPATLAISKQLLPVYDKPMIYYPLSTLMLAGIREILIISTPQDTPRFQQLLGDG
SNWGLDLQYAVQPSPDGLAQAFLIGESFIGNDLSALVLGDNLYYGHDFHELLGSASQRQTGASVFAYHVLDPERYGVVEF
DQGGKAISLEEKPLEPKSNYAVTGLYFYDQQVVDIARDLKPSPRGELEITDVNRAYLERGQLSVEIMGRGYAWLDTGTHD
SLLEAGQFIATLENRQGLKVACPEEIAYRQKWIDAAQLEKLAAPLAKNGYGQYLKRLLTETVY
;
_entity_poly.pdbx_strand_id   A,B,C,D
#
# COMPACT_ATOMS: atom_id res chain seq x y z
N HIS A 4 -30.28 11.17 18.91
CA HIS A 4 -29.67 10.98 20.28
C HIS A 4 -28.40 10.18 20.22
N HIS A 5 -27.32 10.77 20.72
CA HIS A 5 -26.05 10.08 20.88
C HIS A 5 -25.86 9.68 22.31
N HIS A 6 -25.04 8.66 22.54
CA HIS A 6 -24.79 8.17 23.89
C HIS A 6 -23.34 8.20 24.27
N MET A 11 -11.45 9.25 26.72
CA MET A 11 -11.45 9.22 25.26
C MET A 11 -10.07 8.93 24.70
N LYS A 12 -10.03 7.99 23.74
CA LYS A 12 -8.80 7.66 23.01
C LYS A 12 -8.51 8.66 21.89
N ARG A 13 -7.26 8.61 21.42
CA ARG A 13 -6.74 9.61 20.49
C ARG A 13 -6.17 8.92 19.25
N LYS A 14 -6.54 9.41 18.07
CA LYS A 14 -6.03 8.85 16.82
C LYS A 14 -4.88 9.71 16.33
N GLY A 15 -3.97 9.12 15.56
CA GLY A 15 -2.82 9.89 15.11
C GLY A 15 -2.77 10.06 13.62
N ILE A 16 -2.25 11.19 13.16
CA ILE A 16 -2.00 11.38 11.76
C ILE A 16 -0.52 11.76 11.59
N ILE A 17 0.14 11.12 10.62
CA ILE A 17 1.46 11.51 10.20
C ILE A 17 1.34 12.08 8.80
N LEU A 18 1.81 13.29 8.63
CA LEU A 18 1.79 13.85 7.31
C LEU A 18 3.17 13.63 6.71
N ALA A 19 3.21 12.82 5.66
CA ALA A 19 4.44 12.48 4.97
C ALA A 19 4.22 12.59 3.47
N GLY A 20 3.81 13.79 3.06
CA GLY A 20 3.43 14.07 1.68
C GLY A 20 4.59 14.59 0.86
N GLY A 21 4.26 15.40 -0.14
CA GLY A 21 5.28 15.98 -1.02
C GLY A 21 5.97 17.16 -0.36
N SER A 22 7.31 17.08 -0.21
CA SER A 22 8.12 18.24 0.22
C SER A 22 8.48 19.12 -0.99
N GLY A 23 7.63 19.04 -2.01
CA GLY A 23 7.83 19.74 -3.29
C GLY A 23 9.13 19.38 -3.99
N THR A 24 9.65 20.35 -4.75
CA THR A 24 10.92 20.21 -5.46
C THR A 24 12.10 20.69 -4.63
N ARG A 25 11.84 21.19 -3.43
CA ARG A 25 12.83 21.88 -2.61
C ARG A 25 14.18 21.13 -2.40
N LEU A 26 14.11 19.80 -2.27
CA LEU A 26 15.30 18.98 -1.99
C LEU A 26 15.69 18.11 -3.19
N HIS A 27 15.08 18.41 -4.34
CA HIS A 27 15.52 17.84 -5.60
C HIS A 27 16.93 18.30 -5.87
N PRO A 28 17.78 17.41 -6.43
CA PRO A 28 17.45 16.09 -7.00
C PRO A 28 17.53 14.88 -6.07
N ALA A 29 17.99 15.07 -4.83
CA ALA A 29 18.13 13.96 -3.88
C ALA A 29 16.81 13.26 -3.63
N THR A 30 15.72 14.01 -3.71
CA THR A 30 14.40 13.45 -3.46
C THR A 30 13.59 13.16 -4.73
N LEU A 31 14.23 13.15 -5.89
CA LEU A 31 13.51 12.85 -7.14
C LEU A 31 12.94 11.43 -7.20
N ALA A 32 13.65 10.47 -6.64
CA ALA A 32 13.23 9.08 -6.77
C ALA A 32 12.39 8.56 -5.60
N ILE A 33 12.42 9.24 -4.46
CA ILE A 33 11.63 8.87 -3.28
C ILE A 33 11.30 10.06 -2.42
N SER A 34 10.22 9.95 -1.67
CA SER A 34 9.86 11.03 -0.79
C SER A 34 10.77 11.08 0.43
N LYS A 35 10.86 12.27 0.99
CA LYS A 35 11.77 12.60 2.06
C LYS A 35 11.62 11.65 3.25
N GLN A 36 10.37 11.26 3.55
CA GLN A 36 10.08 10.55 4.80
C GLN A 36 10.49 9.07 4.75
N LEU A 37 10.96 8.65 3.58
CA LEU A 37 11.54 7.31 3.44
C LEU A 37 13.06 7.35 3.35
N LEU A 38 13.66 8.55 3.34
CA LEU A 38 15.10 8.65 3.36
C LEU A 38 15.53 8.24 4.77
N PRO A 39 16.69 7.59 4.89
CA PRO A 39 17.02 7.18 6.24
C PRO A 39 17.62 8.32 7.04
N VAL A 40 17.42 8.26 8.35
CA VAL A 40 18.13 9.08 9.30
C VAL A 40 18.93 8.03 10.05
N TYR A 41 20.20 7.93 9.68
CA TYR A 41 21.15 6.91 10.14
C TYR A 41 20.76 5.48 9.73
N ASP A 42 20.17 4.72 10.65
CA ASP A 42 20.00 3.28 10.45
C ASP A 42 18.53 2.90 10.17
N LYS A 43 17.64 3.90 10.15
CA LYS A 43 16.23 3.64 9.98
C LYS A 43 15.51 4.73 9.16
N PRO A 44 14.37 4.38 8.55
CA PRO A 44 13.66 5.37 7.75
C PRO A 44 13.20 6.54 8.58
N MET A 45 13.18 7.73 7.98
CA MET A 45 12.79 8.92 8.71
C MET A 45 11.41 8.75 9.32
N ILE A 46 10.46 8.16 8.57
CA ILE A 46 9.11 8.00 9.09
C ILE A 46 9.06 7.22 10.42
N TYR A 47 10.02 6.33 10.69
CA TYR A 47 10.06 5.63 11.99
C TYR A 47 10.05 6.58 13.20
N TYR A 48 10.72 7.72 13.09
CA TYR A 48 10.81 8.64 14.25
C TYR A 48 9.46 9.28 14.66
N PRO A 49 8.74 9.88 13.69
CA PRO A 49 7.43 10.38 14.08
C PRO A 49 6.45 9.25 14.44
N LEU A 50 6.58 8.12 13.75
CA LEU A 50 5.78 6.96 14.12
C LEU A 50 6.07 6.57 15.59
N SER A 51 7.34 6.45 15.94
CA SER A 51 7.71 6.11 17.31
C SER A 51 7.21 7.17 18.32
N THR A 52 7.13 8.41 17.86
CA THR A 52 6.70 9.53 18.66
C THR A 52 5.20 9.39 18.97
N LEU A 53 4.38 9.11 17.95
CA LEU A 53 2.96 8.79 18.20
C LEU A 53 2.80 7.64 19.16
N MET A 54 3.57 6.57 18.95
CA MET A 54 3.50 5.37 19.80
C MET A 54 3.83 5.72 21.25
N LEU A 55 4.85 6.56 21.42
CA LEU A 55 5.26 6.99 22.75
C LEU A 55 4.14 7.75 23.42
N ALA A 56 3.33 8.48 22.64
CA ALA A 56 2.18 9.16 23.23
C ALA A 56 1.01 8.22 23.54
N GLY A 57 1.20 6.91 23.30
CA GLY A 57 0.19 5.88 23.54
C GLY A 57 -0.83 5.70 22.41
N ILE A 58 -0.60 6.35 21.27
CA ILE A 58 -1.52 6.28 20.12
C ILE A 58 -1.26 5.02 19.27
N ARG A 59 -2.32 4.25 19.00
CA ARG A 59 -2.18 2.98 18.25
C ARG A 59 -2.89 2.99 16.89
N GLU A 60 -3.85 3.90 16.72
CA GLU A 60 -4.57 4.02 15.46
C GLU A 60 -4.04 5.25 14.73
N ILE A 61 -3.41 5.02 13.59
CA ILE A 61 -2.62 6.05 12.94
C ILE A 61 -2.86 6.09 11.43
N LEU A 62 -3.10 7.30 10.93
CA LEU A 62 -3.26 7.52 9.50
C LEU A 62 -1.97 8.07 8.92
N ILE A 63 -1.49 7.44 7.86
CA ILE A 63 -0.33 7.94 7.15
C ILE A 63 -0.80 8.59 5.85
N ILE A 64 -0.46 9.87 5.68
CA ILE A 64 -0.83 10.65 4.51
C ILE A 64 0.42 10.85 3.66
N SER A 65 0.40 10.34 2.44
CA SER A 65 1.52 10.50 1.54
C SER A 65 1.00 10.86 0.14
N THR A 66 1.93 11.02 -0.79
CA THR A 66 1.61 11.28 -2.21
C THR A 66 1.02 10.02 -2.79
N PRO A 67 0.23 10.14 -3.87
CA PRO A 67 -0.24 8.90 -4.51
C PRO A 67 0.91 8.00 -5.00
N GLN A 68 2.01 8.62 -5.41
CA GLN A 68 3.15 7.89 -5.98
C GLN A 68 3.82 7.01 -4.94
N ASP A 69 3.87 7.47 -3.69
CA ASP A 69 4.69 6.81 -2.65
C ASP A 69 3.95 5.98 -1.62
N THR A 70 2.62 6.01 -1.65
CA THR A 70 1.83 5.24 -0.68
C THR A 70 2.23 3.77 -0.65
N PRO A 71 2.36 3.11 -1.82
CA PRO A 71 2.68 1.67 -1.79
C PRO A 71 3.98 1.37 -1.07
N ARG A 72 4.97 2.25 -1.25
CA ARG A 72 6.25 2.12 -0.55
C ARG A 72 6.13 2.31 0.95
N PHE A 73 5.34 3.30 1.40
CA PHE A 73 5.03 3.39 2.83
C PHE A 73 4.34 2.09 3.31
N GLN A 74 3.36 1.62 2.53
CA GLN A 74 2.64 0.37 2.85
C GLN A 74 3.54 -0.87 2.91
N GLN A 75 4.55 -0.91 2.03
CA GLN A 75 5.47 -2.04 1.96
C GLN A 75 6.39 -2.09 3.20
N LEU A 76 6.85 -0.91 3.61
CA LEU A 76 7.66 -0.74 4.81
C LEU A 76 6.87 -1.05 6.08
N LEU A 77 5.65 -0.53 6.18
CA LEU A 77 4.94 -0.44 7.47
C LEU A 77 3.76 -1.38 7.66
N GLY A 78 3.15 -1.82 6.55
CA GLY A 78 2.01 -2.73 6.59
C GLY A 78 0.76 -2.12 7.22
N ASP A 79 0.01 -2.95 7.91
CA ASP A 79 -1.22 -2.49 8.54
C ASP A 79 -1.03 -2.26 10.03
N GLY A 80 0.22 -2.36 10.48
CA GLY A 80 0.57 -2.16 11.88
C GLY A 80 0.48 -3.38 12.80
N SER A 81 -0.21 -4.43 12.34
CA SER A 81 -0.45 -5.63 13.15
C SER A 81 0.81 -6.28 13.74
N ASN A 82 1.94 -6.20 13.04
CA ASN A 82 3.19 -6.76 13.59
C ASN A 82 3.68 -6.01 14.82
N TRP A 83 3.27 -4.74 14.93
CA TRP A 83 3.74 -3.87 15.99
C TRP A 83 2.62 -3.49 16.93
N GLY A 84 1.50 -4.21 16.88
CA GLY A 84 0.39 -3.91 17.79
C GLY A 84 -0.35 -2.60 17.49
N LEU A 85 -0.34 -2.18 16.23
CA LEU A 85 -0.99 -0.95 15.84
C LEU A 85 -2.02 -1.21 14.76
N ASP A 86 -2.79 -0.18 14.46
CA ASP A 86 -3.54 -0.21 13.23
C ASP A 86 -3.23 0.99 12.39
N LEU A 87 -2.63 0.70 11.23
CA LEU A 87 -2.21 1.74 10.32
C LEU A 87 -3.15 1.78 9.12
N GLN A 88 -3.63 2.98 8.78
CA GLN A 88 -4.43 3.19 7.60
C GLN A 88 -3.74 4.22 6.71
N TYR A 89 -4.15 4.29 5.45
CA TYR A 89 -3.50 5.13 4.46
C TYR A 89 -4.45 6.05 3.71
N ALA A 90 -3.99 7.27 3.44
CA ALA A 90 -4.72 8.24 2.62
C ALA A 90 -3.69 8.98 1.78
N VAL A 91 -4.15 9.52 0.65
CA VAL A 91 -3.26 10.24 -0.26
C VAL A 91 -3.56 11.74 -0.20
N GLN A 92 -2.54 12.53 -0.47
CA GLN A 92 -2.69 13.96 -0.68
C GLN A 92 -2.20 14.19 -2.10
N PRO A 93 -3.13 14.24 -3.06
CA PRO A 93 -2.72 14.35 -4.47
C PRO A 93 -1.98 15.66 -4.73
N SER A 94 -2.34 16.71 -4.00
CA SER A 94 -1.78 18.04 -4.18
C SER A 94 -1.33 18.59 -2.82
N PRO A 95 -0.10 19.12 -2.73
CA PRO A 95 0.42 19.60 -1.45
C PRO A 95 -0.19 20.94 -1.05
N ASP A 96 -1.38 20.89 -0.43
CA ASP A 96 -2.18 22.11 -0.21
C ASP A 96 -2.03 22.70 1.20
N GLY A 97 -1.12 22.15 2.01
CA GLY A 97 -0.89 22.67 3.38
C GLY A 97 -1.20 21.66 4.48
N LEU A 98 -0.62 21.88 5.66
CA LEU A 98 -0.67 20.88 6.73
C LEU A 98 -2.09 20.64 7.27
N ALA A 99 -2.88 21.72 7.36
CA ALA A 99 -4.22 21.68 7.93
C ALA A 99 -5.13 20.74 7.16
N GLN A 100 -4.85 20.58 5.87
CA GLN A 100 -5.56 19.64 5.03
C GLN A 100 -5.62 18.22 5.60
N ALA A 101 -4.67 17.87 6.47
CA ALA A 101 -4.63 16.53 7.07
C ALA A 101 -5.99 16.20 7.66
N PHE A 102 -6.67 17.24 8.15
CA PHE A 102 -7.92 17.10 8.86
C PHE A 102 -9.12 16.96 7.93
N LEU A 103 -9.03 17.54 6.75
CA LEU A 103 -10.04 17.31 5.71
C LEU A 103 -9.87 15.92 5.12
N ILE A 104 -8.66 15.62 4.65
CA ILE A 104 -8.32 14.27 4.21
C ILE A 104 -8.57 13.20 5.27
N GLY A 105 -8.33 13.51 6.54
CA GLY A 105 -8.46 12.49 7.61
C GLY A 105 -9.74 12.54 8.41
N GLU A 106 -10.71 13.28 7.89
CA GLU A 106 -12.00 13.50 8.56
C GLU A 106 -12.74 12.21 8.99
N SER A 107 -12.98 11.30 8.05
CA SER A 107 -13.64 10.03 8.37
C SER A 107 -12.80 9.13 9.28
N PHE A 108 -11.49 9.12 9.07
CA PHE A 108 -10.56 8.40 9.95
C PHE A 108 -10.70 8.90 11.38
N ILE A 109 -10.76 10.22 11.56
CA ILE A 109 -10.83 10.81 12.89
C ILE A 109 -12.16 10.52 13.58
N GLY A 110 -13.26 10.59 12.83
CA GLY A 110 -14.59 10.42 13.40
C GLY A 110 -14.88 11.40 14.53
N ASN A 111 -15.33 10.87 15.67
CA ASN A 111 -15.74 11.70 16.78
C ASN A 111 -14.68 11.72 17.88
N ASP A 112 -13.44 11.43 17.50
CA ASP A 112 -12.34 11.23 18.43
C ASP A 112 -11.40 12.41 18.57
N LEU A 113 -10.56 12.37 19.62
CA LEU A 113 -9.43 13.28 19.75
C LEU A 113 -8.35 12.85 18.76
N SER A 114 -7.36 13.71 18.55
CA SER A 114 -6.38 13.44 17.51
C SER A 114 -5.02 14.05 17.81
N ALA A 115 -4.05 13.70 16.98
CA ALA A 115 -2.68 14.14 17.11
C ALA A 115 -2.09 14.18 15.72
N LEU A 116 -1.48 15.30 15.39
CA LEU A 116 -0.81 15.47 14.13
C LEU A 116 0.68 15.63 14.38
N VAL A 117 1.46 14.87 13.62
CA VAL A 117 2.91 14.95 13.66
C VAL A 117 3.45 15.02 12.25
N LEU A 118 4.46 15.87 12.05
CA LEU A 118 5.12 15.94 10.76
C LEU A 118 5.99 14.73 10.57
N GLY A 119 5.94 14.15 9.38
CA GLY A 119 6.71 12.93 9.09
C GLY A 119 8.21 13.14 8.92
N ASP A 120 8.68 14.39 8.95
CA ASP A 120 10.11 14.65 8.88
C ASP A 120 10.69 15.29 10.16
N ASN A 121 10.02 15.06 11.28
CA ASN A 121 10.41 15.64 12.55
C ASN A 121 10.93 14.60 13.54
N LEU A 122 12.10 14.89 14.11
CA LEU A 122 12.72 13.99 15.08
C LEU A 122 12.85 14.70 16.43
N TYR A 123 12.54 13.96 17.49
CA TYR A 123 12.66 14.41 18.87
C TYR A 123 13.48 13.45 19.69
N TYR A 124 14.14 13.99 20.70
CA TYR A 124 14.92 13.18 21.62
C TYR A 124 14.95 13.87 22.97
N GLY A 125 14.83 13.07 24.04
CA GLY A 125 15.14 13.56 25.37
C GLY A 125 14.43 12.84 26.48
N HIS A 126 14.84 13.20 27.68
CA HIS A 126 14.49 12.50 28.88
C HIS A 126 13.12 12.87 29.34
N ASP A 127 12.35 11.85 29.69
CA ASP A 127 10.96 12.03 30.12
C ASP A 127 10.11 12.62 29.00
N PHE A 128 10.48 12.31 27.76
CA PHE A 128 9.69 12.68 26.57
C PHE A 128 8.32 12.02 26.65
N HIS A 129 8.31 10.77 27.10
CA HIS A 129 7.07 10.02 27.37
C HIS A 129 6.10 10.80 28.23
N GLU A 130 6.59 11.33 29.35
CA GLU A 130 5.78 12.09 30.29
C GLU A 130 5.33 13.45 29.73
N LEU A 131 6.19 14.09 28.95
CA LEU A 131 5.83 15.32 28.24
C LEU A 131 4.70 15.08 27.24
N LEU A 132 4.74 13.95 26.53
CA LEU A 132 3.69 13.61 25.59
C LEU A 132 2.42 13.21 26.34
N GLY A 133 2.60 12.59 27.50
CA GLY A 133 1.50 12.05 28.30
C GLY A 133 0.62 13.16 28.80
N SER A 134 1.25 14.25 29.24
CA SER A 134 0.52 15.40 29.75
C SER A 134 -0.21 16.17 28.63
N ALA A 135 0.30 16.14 27.41
CA ALA A 135 -0.43 16.75 26.31
C ALA A 135 -1.63 15.87 25.91
N SER A 136 -1.44 14.56 25.94
CA SER A 136 -2.46 13.60 25.58
C SER A 136 -3.63 13.54 26.58
N GLN A 137 -3.36 13.82 27.85
CA GLN A 137 -4.38 13.72 28.90
C GLN A 137 -5.35 14.90 28.85
N ARG A 138 -4.87 16.05 28.36
CA ARG A 138 -5.71 17.23 28.21
C ARG A 138 -6.74 16.99 27.09
N GLN A 139 -7.96 16.61 27.48
CA GLN A 139 -8.97 16.17 26.52
C GLN A 139 -9.66 17.31 25.76
N THR A 140 -9.65 18.52 26.32
CA THR A 140 -10.23 19.68 25.66
C THR A 140 -9.15 20.64 25.14
N GLY A 141 -9.50 21.41 24.12
CA GLY A 141 -8.59 22.36 23.54
C GLY A 141 -7.49 21.66 22.77
N ALA A 142 -6.49 22.44 22.37
CA ALA A 142 -5.33 21.97 21.63
C ALA A 142 -4.08 22.11 22.47
N SER A 143 -3.08 21.29 22.16
CA SER A 143 -1.78 21.37 22.81
C SER A 143 -0.65 21.40 21.79
N VAL A 144 0.22 22.40 21.91
CA VAL A 144 1.45 22.46 21.09
C VAL A 144 2.70 22.64 21.98
N PHE A 145 3.88 22.56 21.37
CA PHE A 145 5.13 22.74 22.09
C PHE A 145 5.97 23.82 21.41
N ALA A 146 6.55 24.69 22.25
CA ALA A 146 7.39 25.80 21.83
C ALA A 146 8.82 25.48 22.23
N TYR A 147 9.74 25.68 21.29
CA TYR A 147 11.13 25.28 21.43
C TYR A 147 12.03 26.39 20.90
N HIS A 148 13.07 26.73 21.67
CA HIS A 148 13.95 27.85 21.34
C HIS A 148 14.85 27.46 20.21
N VAL A 149 14.80 28.22 19.12
CA VAL A 149 15.59 27.92 17.92
C VAL A 149 16.38 29.17 17.51
N LEU A 150 17.42 28.97 16.73
CA LEU A 150 18.20 30.05 16.13
C LEU A 150 17.43 30.84 15.07
N ASP A 151 16.60 30.14 14.30
CA ASP A 151 15.99 30.74 13.12
C ASP A 151 14.46 30.71 13.20
N PRO A 152 13.87 31.45 14.17
CA PRO A 152 12.43 31.29 14.33
C PRO A 152 11.59 31.78 13.13
N GLU A 153 12.14 32.68 12.30
CA GLU A 153 11.51 33.15 11.04
C GLU A 153 11.06 32.02 10.14
N ARG A 154 11.62 30.81 10.34
CA ARG A 154 11.24 29.69 9.49
C ARG A 154 9.98 29.02 9.97
N TYR A 155 9.49 29.37 11.16
CA TYR A 155 8.43 28.59 11.80
C TYR A 155 7.21 29.39 12.25
N GLY A 156 6.26 28.68 12.85
CA GLY A 156 5.22 29.29 13.66
C GLY A 156 5.89 29.74 14.94
N VAL A 157 5.73 31.02 15.27
CA VAL A 157 6.42 31.65 16.40
C VAL A 157 5.41 32.08 17.45
N VAL A 158 5.65 31.71 18.69
CA VAL A 158 4.77 32.12 19.77
C VAL A 158 5.39 33.24 20.61
N GLU A 159 4.58 34.26 20.89
CA GLU A 159 4.97 35.40 21.73
C GLU A 159 4.37 35.19 23.11
N PHE A 160 5.17 35.44 24.16
CA PHE A 160 4.70 35.29 25.52
C PHE A 160 4.65 36.65 26.24
N ASP A 161 3.72 36.82 27.17
CA ASP A 161 3.74 38.01 28.03
C ASP A 161 4.64 37.79 29.27
N GLN A 162 4.77 38.82 30.11
CA GLN A 162 5.59 38.75 31.33
C GLN A 162 5.31 37.55 32.26
N GLY A 163 4.04 37.13 32.35
CA GLY A 163 3.68 35.99 33.19
C GLY A 163 3.89 34.62 32.54
N GLY A 164 4.36 34.61 31.31
CA GLY A 164 4.55 33.37 30.57
C GLY A 164 3.39 32.91 29.68
N LYS A 165 2.30 33.68 29.62
CA LYS A 165 1.13 33.27 28.84
C LYS A 165 1.39 33.51 27.36
N ALA A 166 0.98 32.55 26.53
CA ALA A 166 1.05 32.75 25.08
C ALA A 166 -0.01 33.76 24.65
N ILE A 167 0.41 34.84 23.99
CA ILE A 167 -0.54 35.91 23.60
C ILE A 167 -0.71 36.16 22.11
N SER A 168 0.23 35.65 21.31
CA SER A 168 0.08 35.70 19.85
C SER A 168 0.82 34.55 19.15
N LEU A 169 0.43 34.30 17.90
CA LEU A 169 1.07 33.32 17.04
C LEU A 169 1.27 33.91 15.66
N GLU A 170 2.47 33.79 15.11
CA GLU A 170 2.71 34.27 13.76
C GLU A 170 3.43 33.22 12.92
N GLU A 171 3.04 33.09 11.66
CA GLU A 171 3.65 32.14 10.73
C GLU A 171 4.77 32.78 9.90
N LYS A 172 6.01 32.34 10.12
CA LYS A 172 7.18 32.86 9.39
C LYS A 172 7.30 34.39 9.41
N PRO A 173 7.23 34.99 10.61
CA PRO A 173 7.36 36.46 10.63
C PRO A 173 8.79 36.87 10.27
N LEU A 174 8.95 37.98 9.54
CA LEU A 174 10.29 38.49 9.22
C LEU A 174 11.04 39.02 10.46
N GLU A 175 10.27 39.52 11.43
CA GLU A 175 10.84 39.98 12.71
C GLU A 175 10.14 39.25 13.84
N PRO A 176 10.66 38.08 14.22
CA PRO A 176 9.99 37.24 15.20
C PRO A 176 9.93 37.90 16.58
N LYS A 177 8.84 37.67 17.31
CA LYS A 177 8.65 38.27 18.61
C LYS A 177 9.46 37.57 19.71
N SER A 178 9.83 36.31 19.47
CA SER A 178 10.69 35.54 20.35
C SER A 178 11.44 34.52 19.50
N ASN A 179 12.28 33.71 20.13
CA ASN A 179 12.93 32.62 19.42
C ASN A 179 12.21 31.28 19.58
N TYR A 180 10.99 31.31 20.14
CA TYR A 180 10.18 30.13 20.38
C TYR A 180 9.30 29.64 19.24
N ALA A 181 9.74 28.57 18.58
CA ALA A 181 9.01 27.94 17.48
C ALA A 181 8.05 26.86 17.97
N VAL A 182 6.93 26.74 17.26
CA VAL A 182 5.98 25.65 17.44
C VAL A 182 6.55 24.39 16.74
N THR A 183 6.80 23.34 17.52
CA THR A 183 7.32 22.08 16.96
C THR A 183 6.24 21.39 16.12
N GLY A 184 6.64 20.47 15.24
CA GLY A 184 5.68 19.80 14.36
C GLY A 184 4.91 18.65 15.01
N LEU A 185 4.38 18.91 16.19
CA LEU A 185 3.63 17.90 16.93
C LEU A 185 2.44 18.57 17.58
N TYR A 186 1.23 18.07 17.29
CA TYR A 186 0.01 18.80 17.63
C TYR A 186 -1.09 17.88 18.17
N PHE A 187 -1.65 18.24 19.32
CA PHE A 187 -2.78 17.50 19.92
C PHE A 187 -4.07 18.33 19.84
N TYR A 188 -5.18 17.69 19.45
CA TYR A 188 -6.45 18.39 19.21
C TYR A 188 -7.66 17.65 19.78
N ASP A 189 -8.66 18.41 20.22
CA ASP A 189 -9.93 17.82 20.64
C ASP A 189 -10.81 17.65 19.39
N GLN A 190 -12.10 17.42 19.58
CA GLN A 190 -13.01 17.21 18.44
C GLN A 190 -13.33 18.43 17.57
N GLN A 191 -12.88 19.62 17.97
CA GLN A 191 -13.25 20.84 17.22
C GLN A 191 -12.40 21.10 16.00
N VAL A 192 -11.28 20.40 15.90
CA VAL A 192 -10.28 20.69 14.89
C VAL A 192 -10.80 20.54 13.46
N VAL A 193 -11.53 19.47 13.18
CA VAL A 193 -11.97 19.22 11.82
C VAL A 193 -12.81 20.42 11.32
N ASP A 194 -13.76 20.85 12.15
CA ASP A 194 -14.60 22.02 11.83
C ASP A 194 -13.80 23.30 11.62
N ILE A 195 -12.84 23.58 12.50
CA ILE A 195 -11.93 24.71 12.33
C ILE A 195 -11.25 24.63 10.96
N ALA A 196 -10.73 23.45 10.64
CA ALA A 196 -10.02 23.19 9.37
C ALA A 196 -10.90 23.42 8.13
N ARG A 197 -12.15 22.99 8.19
CA ARG A 197 -13.08 23.17 7.07
C ARG A 197 -13.38 24.65 6.78
N ASP A 198 -13.39 25.49 7.82
CA ASP A 198 -13.65 26.93 7.68
C ASP A 198 -12.44 27.78 7.27
N LEU A 199 -11.26 27.16 7.16
CA LEU A 199 -10.08 27.90 6.71
C LEU A 199 -10.11 28.25 5.23
N LYS A 200 -9.66 29.45 4.93
CA LYS A 200 -9.44 29.84 3.53
C LYS A 200 -7.93 29.94 3.28
N PRO A 201 -7.47 29.45 2.09
CA PRO A 201 -6.04 29.40 1.71
C PRO A 201 -5.31 30.71 1.98
N SER A 202 -4.06 30.61 2.42
CA SER A 202 -3.24 31.80 2.68
C SER A 202 -2.78 32.43 1.36
N PRO A 203 -2.11 33.60 1.44
CA PRO A 203 -1.54 34.16 0.21
C PRO A 203 -0.26 33.41 -0.22
N ARG A 204 -0.28 32.09 -0.10
CA ARG A 204 0.79 31.20 -0.57
C ARG A 204 0.15 29.94 -1.16
N GLY A 205 -1.19 29.91 -1.14
CA GLY A 205 -1.98 28.79 -1.62
C GLY A 205 -1.96 27.60 -0.69
N GLU A 206 -2.01 27.85 0.62
CA GLU A 206 -1.88 26.81 1.64
C GLU A 206 -2.82 26.97 2.82
N LEU A 207 -3.38 25.84 3.28
CA LEU A 207 -4.18 25.78 4.53
C LEU A 207 -3.25 25.61 5.74
N GLU A 208 -3.16 26.67 6.55
CA GLU A 208 -2.10 26.81 7.57
C GLU A 208 -2.45 26.22 8.93
N ILE A 209 -1.55 25.39 9.47
CA ILE A 209 -1.73 24.90 10.85
C ILE A 209 -1.71 26.06 11.87
N THR A 210 -0.98 27.13 11.56
CA THR A 210 -0.94 28.30 12.47
C THR A 210 -2.29 28.99 12.59
N ASP A 211 -3.05 29.03 11.50
CA ASP A 211 -4.43 29.55 11.55
C ASP A 211 -5.30 28.67 12.42
N VAL A 212 -5.09 27.34 12.37
CA VAL A 212 -5.78 26.39 13.24
C VAL A 212 -5.45 26.65 14.72
N ASN A 213 -4.17 26.73 15.03
CA ASN A 213 -3.74 26.94 16.40
C ASN A 213 -4.20 28.31 16.92
N ARG A 214 -4.18 29.33 16.06
CA ARG A 214 -4.67 30.67 16.43
C ARG A 214 -6.16 30.64 16.84
N ALA A 215 -6.95 29.88 16.08
CA ALA A 215 -8.36 29.66 16.40
C ALA A 215 -8.54 29.15 17.82
N TYR A 216 -7.75 28.13 18.21
CA TYR A 216 -7.80 27.63 19.58
C TYR A 216 -7.38 28.68 20.59
N LEU A 217 -6.37 29.47 20.23
CA LEU A 217 -5.87 30.53 21.11
C LEU A 217 -6.92 31.66 21.31
N GLU A 218 -7.53 32.11 20.21
CA GLU A 218 -8.57 33.13 20.26
C GLU A 218 -9.76 32.70 21.15
N ARG A 219 -9.97 31.38 21.30
CA ARG A 219 -10.99 30.80 22.18
C ARG A 219 -10.50 30.47 23.61
N GLY A 220 -9.26 30.82 23.97
CA GLY A 220 -8.72 30.47 25.29
C GLY A 220 -8.47 28.97 25.48
N GLN A 221 -8.28 28.22 24.38
CA GLN A 221 -8.16 26.77 24.51
C GLN A 221 -6.86 26.17 23.94
N LEU A 222 -5.87 27.04 23.71
CA LEU A 222 -4.53 26.62 23.33
C LEU A 222 -3.64 26.58 24.56
N SER A 223 -3.15 25.39 24.86
CA SER A 223 -2.06 25.19 25.79
C SER A 223 -0.75 25.12 24.99
N VAL A 224 0.18 26.01 25.32
CA VAL A 224 1.51 26.01 24.77
C VAL A 224 2.46 25.60 25.89
N GLU A 225 3.02 24.40 25.82
CA GLU A 225 4.02 24.00 26.80
C GLU A 225 5.42 24.16 26.25
N ILE A 226 6.36 24.57 27.10
CA ILE A 226 7.74 24.70 26.70
C ILE A 226 8.36 23.31 26.52
N MET A 227 9.01 23.08 25.38
CA MET A 227 9.88 21.92 25.26
C MET A 227 11.29 22.46 25.56
N GLY A 228 11.83 22.04 26.70
CA GLY A 228 13.08 22.59 27.23
C GLY A 228 14.27 22.42 26.33
N ARG A 229 15.31 23.19 26.58
CA ARG A 229 16.54 23.14 25.78
C ARG A 229 17.27 21.79 25.95
N GLY A 230 16.88 21.02 26.96
CA GLY A 230 17.40 19.68 27.21
C GLY A 230 16.82 18.60 26.30
N TYR A 231 15.80 18.94 25.53
CA TYR A 231 15.35 18.10 24.41
C TYR A 231 16.01 18.49 23.11
N ALA A 232 16.25 17.50 22.24
CA ALA A 232 16.64 17.82 20.87
C ALA A 232 15.44 17.71 19.95
N TRP A 233 15.08 18.83 19.33
CA TRP A 233 14.13 18.85 18.22
C TRP A 233 14.93 19.12 16.99
N LEU A 234 15.14 18.08 16.18
CA LEU A 234 16.08 18.12 15.06
C LEU A 234 15.49 18.59 13.73
N ASP A 235 16.36 19.25 12.98
CA ASP A 235 16.01 19.89 11.74
C ASP A 235 16.22 18.89 10.61
N THR A 236 15.21 18.68 9.76
CA THR A 236 15.45 18.00 8.48
C THR A 236 15.12 18.85 7.24
N GLY A 237 15.14 20.17 7.39
CA GLY A 237 14.80 21.09 6.29
C GLY A 237 15.81 21.24 5.15
N THR A 238 17.08 20.97 5.43
CA THR A 238 18.12 21.09 4.40
C THR A 238 18.92 19.79 4.30
N HIS A 239 19.70 19.65 3.24
CA HIS A 239 20.66 18.56 3.12
C HIS A 239 21.65 18.55 4.27
N ASP A 240 22.10 19.74 4.66
CA ASP A 240 23.00 19.90 5.81
C ASP A 240 22.38 19.43 7.11
N SER A 241 21.15 19.85 7.38
CA SER A 241 20.53 19.49 8.65
C SER A 241 20.18 18.01 8.70
N LEU A 242 19.87 17.43 7.54
CA LEU A 242 19.62 15.99 7.43
C LEU A 242 20.85 15.16 7.82
N LEU A 243 21.99 15.57 7.30
CA LEU A 243 23.23 15.00 7.66
C LEU A 243 23.53 15.15 9.15
N GLU A 244 23.28 16.33 9.73
CA GLU A 244 23.49 16.54 11.17
C GLU A 244 22.58 15.66 12.00
N ALA A 245 21.35 15.48 11.52
CA ALA A 245 20.40 14.59 12.14
C ALA A 245 20.90 13.13 12.24
N GLY A 246 21.41 12.58 11.14
CA GLY A 246 21.99 11.22 11.15
C GLY A 246 23.23 11.09 12.04
N GLN A 247 24.15 12.06 11.98
CA GLN A 247 25.31 12.10 12.88
CA GLN A 247 25.32 12.05 12.89
C GLN A 247 24.89 12.08 14.36
N PHE A 248 23.79 12.76 14.65
CA PHE A 248 23.30 12.92 16.02
C PHE A 248 22.71 11.61 16.57
N ILE A 249 21.87 10.95 15.78
CA ILE A 249 21.32 9.67 16.17
C ILE A 249 22.43 8.62 16.32
N ALA A 250 23.38 8.65 15.39
CA ALA A 250 24.47 7.67 15.39
C ALA A 250 25.35 7.79 16.64
N THR A 251 25.64 9.01 17.05
CA THR A 251 26.40 9.29 18.27
C THR A 251 25.67 8.75 19.50
N LEU A 252 24.38 9.02 19.63
CA LEU A 252 23.65 8.47 20.76
C LEU A 252 23.60 6.94 20.73
N GLU A 253 23.34 6.34 19.57
CA GLU A 253 23.20 4.89 19.47
C GLU A 253 24.50 4.14 19.63
N ASN A 254 25.59 4.68 19.09
CA ASN A 254 26.87 4.05 19.27
C ASN A 254 27.42 4.23 20.68
N ARG A 255 27.00 5.29 21.35
CA ARG A 255 27.40 5.50 22.73
C ARG A 255 26.67 4.51 23.63
N GLN A 256 25.36 4.40 23.47
CA GLN A 256 24.51 3.72 24.44
C GLN A 256 24.35 2.20 24.26
N GLY A 257 24.50 1.72 23.05
CA GLY A 257 24.05 0.39 22.71
C GLY A 257 22.54 0.32 22.75
N LEU A 258 21.88 1.46 22.59
CA LEU A 258 20.41 1.54 22.51
C LEU A 258 19.99 2.39 21.32
N LYS A 259 18.80 2.13 20.79
CA LYS A 259 18.32 2.82 19.62
C LYS A 259 17.33 3.93 19.99
N VAL A 260 17.33 4.99 19.20
CA VAL A 260 16.28 6.01 19.26
C VAL A 260 15.19 5.65 18.22
N ALA A 261 13.93 5.64 18.66
CA ALA A 261 12.79 5.43 17.76
C ALA A 261 12.82 4.09 17.03
N CYS A 262 13.11 3.03 17.77
CA CYS A 262 12.91 1.66 17.31
C CYS A 262 11.47 1.29 17.60
N PRO A 263 10.62 1.15 16.57
CA PRO A 263 9.20 0.90 16.79
C PRO A 263 8.94 -0.45 17.45
N GLU A 264 9.68 -1.48 17.05
CA GLU A 264 9.56 -2.80 17.66
C GLU A 264 9.74 -2.72 19.17
N GLU A 265 10.81 -2.05 19.57
CA GLU A 265 11.12 -1.84 20.99
C GLU A 265 10.04 -1.09 21.72
N ILE A 266 9.55 -0.01 21.12
CA ILE A 266 8.54 0.81 21.78
C ILE A 266 7.24 0.01 21.98
N ALA A 267 6.73 -0.65 20.94
CA ALA A 267 5.57 -1.55 21.13
C ALA A 267 5.80 -2.62 22.21
N TYR A 268 6.97 -3.25 22.20
CA TYR A 268 7.33 -4.21 23.24
C TYR A 268 7.25 -3.58 24.65
N ARG A 269 7.68 -2.33 24.78
CA ARG A 269 7.70 -1.66 26.10
C ARG A 269 6.35 -1.16 26.54
N GLN A 270 5.49 -0.80 25.58
CA GLN A 270 4.10 -0.42 25.84
C GLN A 270 3.21 -1.63 26.15
N LYS A 271 3.78 -2.82 25.94
CA LYS A 271 3.08 -4.10 26.09
C LYS A 271 2.03 -4.33 24.99
N TRP A 272 2.32 -3.82 23.79
CA TRP A 272 1.43 -4.02 22.63
C TRP A 272 1.80 -5.23 21.84
N ILE A 273 3.04 -5.70 22.01
CA ILE A 273 3.46 -7.01 21.55
C ILE A 273 4.20 -7.70 22.70
N ASP A 274 4.22 -9.04 22.71
CA ASP A 274 4.89 -9.79 23.79
C ASP A 274 6.22 -10.34 23.34
N ALA A 275 6.94 -11.04 24.23
CA ALA A 275 8.26 -11.61 23.87
C ALA A 275 8.22 -12.51 22.63
N ALA A 276 7.21 -13.38 22.54
CA ALA A 276 7.07 -14.31 21.41
C ALA A 276 6.98 -13.56 20.08
N GLN A 277 6.19 -12.49 20.08
CA GLN A 277 6.01 -11.65 18.89
C GLN A 277 7.29 -10.90 18.50
N LEU A 278 7.96 -10.29 19.47
CA LEU A 278 9.22 -9.61 19.20
C LEU A 278 10.24 -10.56 18.58
N GLU A 279 10.28 -11.81 19.06
CA GLU A 279 11.19 -12.83 18.53
C GLU A 279 10.96 -13.07 17.06
N LYS A 280 9.71 -13.25 16.68
CA LYS A 280 9.35 -13.39 15.28
C LYS A 280 9.79 -12.17 14.46
N LEU A 281 9.64 -10.96 15.01
CA LEU A 281 10.09 -9.73 14.35
C LEU A 281 11.61 -9.71 14.13
N ALA A 282 12.34 -10.22 15.12
CA ALA A 282 13.81 -10.34 15.06
C ALA A 282 14.37 -11.29 14.00
N ALA A 283 13.65 -12.38 13.71
CA ALA A 283 14.17 -13.43 12.82
C ALA A 283 14.61 -13.02 11.38
N PRO A 284 13.72 -12.37 10.59
CA PRO A 284 14.15 -12.03 9.22
C PRO A 284 15.28 -11.00 9.14
N LEU A 285 15.66 -10.42 10.27
CA LEU A 285 16.79 -9.49 10.32
C LEU A 285 17.93 -10.01 11.23
N ALA A 286 17.90 -11.30 11.58
CA ALA A 286 18.84 -11.88 12.56
C ALA A 286 20.33 -11.69 12.24
N LYS A 287 20.66 -11.46 10.97
CA LYS A 287 22.05 -11.35 10.53
C LYS A 287 22.57 -9.91 10.43
N ASN A 288 21.71 -8.93 10.67
CA ASN A 288 22.16 -7.53 10.73
C ASN A 288 22.03 -6.96 12.14
N GLY A 289 22.54 -5.75 12.36
CA GLY A 289 22.57 -5.13 13.70
C GLY A 289 21.19 -4.85 14.30
N TYR A 290 20.23 -4.56 13.44
CA TYR A 290 18.88 -4.24 13.86
C TYR A 290 18.17 -5.47 14.45
N GLY A 291 18.20 -6.59 13.73
CA GLY A 291 17.64 -7.85 14.24
C GLY A 291 18.34 -8.32 15.52
N GLN A 292 19.66 -8.18 15.56
CA GLN A 292 20.43 -8.62 16.74
C GLN A 292 20.06 -7.77 17.95
N TYR A 293 19.75 -6.50 17.68
CA TYR A 293 19.24 -5.58 18.71
C TYR A 293 17.86 -5.98 19.22
N LEU A 294 16.97 -6.37 18.32
CA LEU A 294 15.64 -6.82 18.76
C LEU A 294 15.72 -8.06 19.67
N LYS A 295 16.63 -8.98 19.33
CA LYS A 295 16.88 -10.18 20.12
C LYS A 295 17.46 -9.86 21.51
N ARG A 296 18.43 -8.96 21.58
CA ARG A 296 19.00 -8.58 22.87
C ARG A 296 17.93 -8.02 23.82
N LEU A 297 16.97 -7.25 23.28
CA LEU A 297 15.85 -6.71 24.07
C LEU A 297 15.02 -7.76 24.83
N LEU A 298 15.09 -9.02 24.39
CA LEU A 298 14.31 -10.11 24.99
C LEU A 298 14.86 -10.58 26.33
N THR A 299 16.15 -10.38 26.56
CA THR A 299 16.78 -10.91 27.76
C THR A 299 17.29 -9.84 28.72
N GLU A 300 17.58 -8.65 28.19
CA GLU A 300 18.14 -7.56 28.99
C GLU A 300 17.07 -6.68 29.69
N THR A 301 17.34 -6.26 30.92
CA THR A 301 16.54 -5.22 31.56
C THR A 301 17.16 -3.86 31.26
N VAL A 302 16.38 -2.99 30.65
CA VAL A 302 16.81 -1.63 30.33
C VAL A 302 15.92 -0.69 31.10
N TYR A 303 16.51 0.07 32.02
CA TYR A 303 15.74 1.01 32.85
C TYR A 303 15.34 2.29 32.12
N MET B 11 38.19 2.67 -31.19
CA MET B 11 36.92 1.97 -30.82
C MET B 11 36.12 2.62 -29.69
N LYS B 12 34.82 2.33 -29.67
CA LYS B 12 33.94 2.84 -28.63
C LYS B 12 33.87 1.96 -27.40
N ARG B 13 33.72 2.61 -26.25
CA ARG B 13 33.52 1.89 -25.00
C ARG B 13 32.13 2.18 -24.42
N LYS B 14 31.46 1.12 -24.01
CA LYS B 14 30.14 1.22 -23.42
C LYS B 14 30.23 0.98 -21.91
N GLY B 15 29.30 1.59 -21.17
CA GLY B 15 29.28 1.43 -19.72
C GLY B 15 28.09 0.70 -19.12
N ILE B 16 28.35 0.07 -17.99
CA ILE B 16 27.31 -0.58 -17.22
C ILE B 16 27.44 -0.08 -15.80
N ILE B 17 26.32 0.36 -15.20
CA ILE B 17 26.29 0.61 -13.75
C ILE B 17 25.54 -0.55 -13.11
N LEU B 18 26.21 -1.33 -12.26
CA LEU B 18 25.48 -2.36 -11.53
C LEU B 18 24.92 -1.79 -10.22
N ALA B 19 23.63 -1.48 -10.22
CA ALA B 19 22.94 -0.95 -9.03
C ALA B 19 21.91 -1.94 -8.54
N GLY B 20 22.36 -3.14 -8.17
CA GLY B 20 21.46 -4.22 -7.75
C GLY B 20 21.27 -4.31 -6.25
N GLY B 21 20.74 -5.44 -5.78
CA GLY B 21 20.35 -5.59 -4.38
C GLY B 21 21.52 -5.78 -3.43
N SER B 22 21.43 -5.14 -2.26
CA SER B 22 22.38 -5.38 -1.16
C SER B 22 21.76 -6.25 -0.07
N GLY B 23 20.83 -7.12 -0.48
CA GLY B 23 20.11 -8.02 0.42
C GLY B 23 19.36 -7.30 1.54
N THR B 24 19.43 -7.86 2.75
CA THR B 24 18.81 -7.30 3.95
C THR B 24 19.84 -6.55 4.80
N ARG B 25 21.07 -6.50 4.33
CA ARG B 25 22.22 -5.97 5.08
C ARG B 25 21.98 -4.59 5.75
N LEU B 26 21.31 -3.68 5.04
CA LEU B 26 21.03 -2.34 5.58
C LEU B 26 19.55 -2.11 5.96
N HIS B 27 18.77 -3.18 6.03
CA HIS B 27 17.38 -3.09 6.47
C HIS B 27 17.35 -2.65 7.91
N PRO B 28 16.38 -1.83 8.29
CA PRO B 28 15.22 -1.39 7.51
C PRO B 28 15.42 -0.11 6.67
N ALA B 29 16.61 0.47 6.71
CA ALA B 29 16.83 1.72 5.98
C ALA B 29 16.60 1.53 4.49
N THR B 30 16.87 0.34 3.99
CA THR B 30 16.77 0.04 2.57
C THR B 30 15.60 -0.89 2.27
N LEU B 31 14.73 -1.11 3.26
CA LEU B 31 13.54 -1.93 3.08
C LEU B 31 12.66 -1.37 1.95
N ALA B 32 12.44 -0.05 1.97
CA ALA B 32 11.55 0.67 1.05
C ALA B 32 12.08 0.87 -0.37
N ILE B 33 13.38 1.16 -0.50
CA ILE B 33 14.03 1.41 -1.81
C ILE B 33 15.48 0.99 -1.79
N SER B 34 16.02 0.74 -2.97
CA SER B 34 17.38 0.27 -3.06
C SER B 34 18.33 1.41 -2.77
N LYS B 35 19.47 1.02 -2.19
CA LYS B 35 20.47 1.93 -1.68
C LYS B 35 20.90 3.00 -2.67
N GLN B 36 21.08 2.60 -3.93
CA GLN B 36 21.64 3.49 -4.96
C GLN B 36 20.68 4.61 -5.38
N LEU B 37 19.44 4.57 -4.87
CA LEU B 37 18.47 5.66 -5.10
C LEU B 37 18.41 6.63 -3.92
N LEU B 38 19.09 6.29 -2.83
CA LEU B 38 19.19 7.17 -1.69
C LEU B 38 20.25 8.22 -1.95
N PRO B 39 20.09 9.41 -1.35
CA PRO B 39 21.08 10.49 -1.50
C PRO B 39 22.38 10.29 -0.74
N VAL B 40 23.49 10.69 -1.37
CA VAL B 40 24.72 11.05 -0.65
C VAL B 40 24.80 12.59 -0.71
N TYR B 41 24.45 13.23 0.40
CA TYR B 41 24.35 14.69 0.55
C TYR B 41 23.25 15.39 -0.28
N ASP B 42 23.55 15.81 -1.50
CA ASP B 42 22.59 16.61 -2.28
C ASP B 42 22.05 15.94 -3.55
N LYS B 43 22.50 14.73 -3.85
CA LYS B 43 22.12 14.05 -5.08
C LYS B 43 22.01 12.55 -4.89
N PRO B 44 21.17 11.87 -5.71
CA PRO B 44 21.04 10.43 -5.61
C PRO B 44 22.37 9.76 -5.83
N MET B 45 22.67 8.75 -5.04
CA MET B 45 23.94 8.04 -5.07
C MET B 45 24.37 7.68 -6.48
N ILE B 46 23.44 7.14 -7.26
CA ILE B 46 23.80 6.72 -8.61
C ILE B 46 24.43 7.83 -9.46
N TYR B 47 24.18 9.10 -9.11
CA TYR B 47 24.81 10.22 -9.82
C TYR B 47 26.32 10.12 -9.80
N TYR B 48 26.86 9.51 -8.76
CA TYR B 48 28.31 9.46 -8.59
C TYR B 48 28.98 8.46 -9.53
N PRO B 49 28.50 7.20 -9.57
CA PRO B 49 29.12 6.30 -10.56
C PRO B 49 28.73 6.64 -11.99
N LEU B 50 27.56 7.25 -12.19
CA LEU B 50 27.17 7.71 -13.53
C LEU B 50 28.15 8.79 -13.97
N SER B 51 28.42 9.73 -13.08
CA SER B 51 29.36 10.80 -13.33
C SER B 51 30.77 10.27 -13.59
N THR B 52 31.13 9.20 -12.91
CA THR B 52 32.39 8.54 -13.16
C THR B 52 32.51 8.04 -14.60
N LEU B 53 31.49 7.31 -15.05
CA LEU B 53 31.51 6.86 -16.43
C LEU B 53 31.62 8.04 -17.39
N MET B 54 30.87 9.10 -17.11
CA MET B 54 30.87 10.25 -18.00
C MET B 54 32.24 10.93 -18.02
N LEU B 55 32.94 10.91 -16.89
CA LEU B 55 34.28 11.50 -16.82
C LEU B 55 35.24 10.68 -17.68
N ALA B 56 35.08 9.35 -17.66
CA ALA B 56 35.83 8.47 -18.57
C ALA B 56 35.38 8.58 -20.05
N GLY B 57 34.40 9.45 -20.32
CA GLY B 57 34.01 9.77 -21.69
C GLY B 57 33.04 8.77 -22.31
N ILE B 58 32.32 8.05 -21.46
CA ILE B 58 31.38 7.02 -21.85
C ILE B 58 29.96 7.60 -21.86
N ARG B 59 29.29 7.48 -23.00
CA ARG B 59 27.99 8.11 -23.22
C ARG B 59 26.85 7.11 -23.32
N GLU B 60 27.14 5.91 -23.83
CA GLU B 60 26.16 4.83 -23.95
C GLU B 60 26.25 3.92 -22.73
N ILE B 61 25.19 3.94 -21.92
CA ILE B 61 25.25 3.35 -20.57
C ILE B 61 24.04 2.48 -20.24
N LEU B 62 24.33 1.28 -19.75
CA LEU B 62 23.32 0.35 -19.26
C LEU B 62 23.26 0.40 -17.76
N ILE B 63 22.05 0.56 -17.23
CA ILE B 63 21.84 0.56 -15.79
C ILE B 63 21.06 -0.70 -15.39
N ILE B 64 21.68 -1.51 -14.55
CA ILE B 64 21.08 -2.73 -14.04
C ILE B 64 20.67 -2.59 -12.56
N SER B 65 19.43 -2.93 -12.25
CA SER B 65 18.87 -2.85 -10.89
C SER B 65 17.93 -4.02 -10.58
N THR B 66 17.35 -4.03 -9.38
CA THR B 66 16.33 -5.03 -9.05
C THR B 66 15.11 -4.89 -9.98
N PRO B 67 14.34 -5.97 -10.16
CA PRO B 67 13.08 -5.80 -10.89
C PRO B 67 12.17 -4.72 -10.27
N GLN B 68 12.13 -4.62 -8.95
CA GLN B 68 11.31 -3.59 -8.34
C GLN B 68 11.77 -2.17 -8.70
N ASP B 69 13.08 -1.96 -8.77
CA ASP B 69 13.59 -0.59 -8.84
C ASP B 69 13.90 0.05 -10.21
N THR B 70 13.84 -0.73 -11.30
CA THR B 70 14.07 -0.16 -12.64
C THR B 70 13.16 1.03 -12.98
N PRO B 71 11.83 0.92 -12.76
CA PRO B 71 11.00 2.08 -13.03
C PRO B 71 11.51 3.30 -12.30
N ARG B 72 12.07 3.10 -11.12
CA ARG B 72 12.50 4.21 -10.32
C ARG B 72 13.77 4.86 -10.89
N PHE B 73 14.75 4.04 -11.30
CA PHE B 73 15.91 4.56 -12.02
C PHE B 73 15.50 5.21 -13.35
N GLN B 74 14.56 4.56 -14.04
CA GLN B 74 14.07 5.04 -15.33
C GLN B 74 13.40 6.39 -15.21
N GLN B 75 12.60 6.55 -14.16
CA GLN B 75 11.94 7.80 -13.85
C GLN B 75 12.97 8.89 -13.53
N LEU B 76 13.96 8.53 -12.72
CA LEU B 76 14.99 9.48 -12.33
C LEU B 76 15.86 9.96 -13.52
N LEU B 77 16.35 9.01 -14.31
CA LEU B 77 17.36 9.29 -15.31
C LEU B 77 16.89 9.47 -16.76
N GLY B 78 15.71 8.93 -17.08
CA GLY B 78 15.21 8.94 -18.47
C GLY B 78 16.09 8.19 -19.48
N ASP B 79 15.97 8.54 -20.76
CA ASP B 79 16.81 7.90 -21.78
C ASP B 79 18.19 8.58 -21.88
N GLY B 80 18.40 9.63 -21.08
CA GLY B 80 19.67 10.33 -21.02
C GLY B 80 19.84 11.47 -22.00
N SER B 81 18.95 11.56 -22.99
CA SER B 81 19.09 12.54 -24.09
C SER B 81 19.25 13.99 -23.61
N ASN B 82 18.60 14.33 -22.49
CA ASN B 82 18.77 15.65 -21.84
C ASN B 82 20.19 15.96 -21.34
N TRP B 83 20.98 14.91 -21.07
CA TRP B 83 22.36 15.08 -20.66
C TRP B 83 23.34 14.65 -21.72
N GLY B 84 22.86 14.46 -22.96
CA GLY B 84 23.73 13.98 -24.05
C GLY B 84 24.23 12.55 -23.83
N LEU B 85 23.46 11.75 -23.10
CA LEU B 85 23.75 10.34 -22.91
C LEU B 85 22.72 9.45 -23.60
N ASP B 86 23.03 8.16 -23.70
CA ASP B 86 22.11 7.20 -24.26
C ASP B 86 21.99 6.09 -23.23
N LEU B 87 20.95 6.18 -22.42
CA LEU B 87 20.71 5.26 -21.33
C LEU B 87 19.74 4.17 -21.72
N GLN B 88 20.09 2.93 -21.38
CA GLN B 88 19.22 1.78 -21.51
C GLN B 88 19.20 1.07 -20.15
N TYR B 89 18.20 0.21 -19.96
CA TYR B 89 17.97 -0.40 -18.65
C TYR B 89 17.79 -1.91 -18.76
N ALA B 90 18.17 -2.62 -17.70
CA ALA B 90 17.99 -4.05 -17.60
C ALA B 90 17.99 -4.47 -16.14
N VAL B 91 17.60 -5.71 -15.87
CA VAL B 91 17.33 -6.16 -14.50
C VAL B 91 18.18 -7.34 -14.07
N GLN B 92 18.55 -7.35 -12.80
CA GLN B 92 19.16 -8.51 -12.17
C GLN B 92 18.14 -9.11 -11.19
N PRO B 93 17.49 -10.23 -11.60
CA PRO B 93 16.41 -10.82 -10.78
C PRO B 93 16.82 -11.20 -9.36
N SER B 94 18.04 -11.72 -9.20
CA SER B 94 18.58 -12.10 -7.89
C SER B 94 20.06 -11.67 -7.76
N PRO B 95 20.56 -11.41 -6.52
CA PRO B 95 21.96 -10.99 -6.38
C PRO B 95 22.97 -12.15 -6.46
N ASP B 96 23.15 -12.68 -7.67
CA ASP B 96 24.02 -13.82 -7.92
C ASP B 96 25.44 -13.47 -8.42
N GLY B 97 25.90 -12.25 -8.16
CA GLY B 97 27.30 -11.90 -8.35
C GLY B 97 27.53 -10.81 -9.35
N LEU B 98 28.62 -10.07 -9.18
CA LEU B 98 28.89 -8.92 -10.02
C LEU B 98 29.11 -9.26 -11.49
N ALA B 99 29.67 -10.45 -11.77
CA ALA B 99 29.97 -10.88 -13.14
C ALA B 99 28.71 -11.08 -13.98
N GLN B 100 27.59 -11.21 -13.30
CA GLN B 100 26.32 -11.40 -13.95
C GLN B 100 25.97 -10.18 -14.79
N ALA B 101 26.63 -9.05 -14.49
CA ALA B 101 26.42 -7.83 -15.26
C ALA B 101 26.69 -8.07 -16.74
N PHE B 102 27.68 -8.93 -17.01
CA PHE B 102 28.13 -9.20 -18.37
C PHE B 102 27.26 -10.20 -19.13
N LEU B 103 26.52 -11.03 -18.40
CA LEU B 103 25.54 -11.91 -19.03
C LEU B 103 24.30 -11.11 -19.38
N ILE B 104 23.76 -10.38 -18.41
CA ILE B 104 22.57 -9.56 -18.60
C ILE B 104 22.90 -8.53 -19.68
N GLY B 105 24.13 -8.00 -19.62
CA GLY B 105 24.57 -6.94 -20.53
C GLY B 105 25.18 -7.36 -21.84
N GLU B 106 25.17 -8.67 -22.11
CA GLU B 106 25.81 -9.22 -23.30
C GLU B 106 25.40 -8.53 -24.60
N SER B 107 24.11 -8.46 -24.89
CA SER B 107 23.67 -7.89 -26.16
C SER B 107 23.83 -6.37 -26.22
N PHE B 108 23.77 -5.71 -25.05
CA PHE B 108 24.06 -4.28 -24.96
C PHE B 108 25.51 -3.99 -25.38
N ILE B 109 26.44 -4.76 -24.83
CA ILE B 109 27.87 -4.65 -25.15
C ILE B 109 28.17 -4.96 -26.62
N GLY B 110 27.38 -5.84 -27.23
CA GLY B 110 27.68 -6.38 -28.57
C GLY B 110 29.17 -6.70 -28.76
N ASN B 111 29.81 -6.00 -29.68
CA ASN B 111 31.20 -6.23 -30.01
C ASN B 111 32.15 -5.12 -29.52
N ASP B 112 31.67 -4.31 -28.57
CA ASP B 112 32.44 -3.15 -28.19
C ASP B 112 33.31 -3.40 -26.97
N LEU B 113 34.13 -2.40 -26.63
CA LEU B 113 34.79 -2.35 -25.33
C LEU B 113 33.79 -1.96 -24.25
N SER B 114 34.08 -2.34 -23.01
CA SER B 114 33.17 -2.07 -21.91
C SER B 114 33.87 -1.56 -20.63
N ALA B 115 33.03 -1.13 -19.68
CA ALA B 115 33.50 -0.68 -18.39
C ALA B 115 32.33 -0.86 -17.43
N LEU B 116 32.63 -1.50 -16.31
CA LEU B 116 31.67 -1.72 -15.25
C LEU B 116 32.02 -0.85 -14.04
N VAL B 117 31.00 -0.17 -13.50
CA VAL B 117 31.16 0.58 -12.26
C VAL B 117 30.08 0.11 -11.30
N LEU B 118 30.45 -0.08 -10.03
CA LEU B 118 29.48 -0.42 -9.01
C LEU B 118 28.63 0.82 -8.66
N GLY B 119 27.33 0.60 -8.51
CA GLY B 119 26.37 1.69 -8.32
C GLY B 119 26.44 2.43 -7.00
N ASP B 120 27.25 1.93 -6.06
CA ASP B 120 27.36 2.50 -4.71
C ASP B 120 28.81 2.95 -4.36
N ASN B 121 29.64 3.13 -5.38
CA ASN B 121 31.03 3.54 -5.19
C ASN B 121 31.22 5.02 -5.51
N LEU B 122 31.88 5.75 -4.61
CA LEU B 122 32.19 7.16 -4.82
C LEU B 122 33.69 7.40 -4.95
N TYR B 123 34.05 8.22 -5.92
CA TYR B 123 35.45 8.56 -6.12
C TYR B 123 35.62 10.05 -6.13
N TYR B 124 36.73 10.50 -5.58
CA TYR B 124 37.11 11.88 -5.70
C TYR B 124 38.62 12.00 -5.79
N GLY B 125 39.08 12.95 -6.59
CA GLY B 125 40.48 13.31 -6.62
C GLY B 125 40.93 14.11 -7.81
N HIS B 126 42.12 14.69 -7.67
CA HIS B 126 42.76 15.47 -8.71
C HIS B 126 43.18 14.61 -9.88
N ASP B 127 42.85 15.08 -11.07
CA ASP B 127 43.22 14.34 -12.27
C ASP B 127 42.60 12.93 -12.29
N PHE B 128 41.38 12.81 -11.79
CA PHE B 128 40.62 11.57 -11.89
C PHE B 128 40.26 11.33 -13.35
N HIS B 129 40.01 12.41 -14.08
CA HIS B 129 39.73 12.37 -15.52
C HIS B 129 40.80 11.65 -16.32
N GLU B 130 42.07 11.87 -15.96
CA GLU B 130 43.19 11.31 -16.70
C GLU B 130 43.46 9.87 -16.29
N LEU B 131 43.25 9.57 -15.01
CA LEU B 131 43.37 8.19 -14.52
C LEU B 131 42.37 7.25 -15.21
N LEU B 132 41.17 7.75 -15.47
CA LEU B 132 40.15 7.03 -16.21
C LEU B 132 40.52 6.95 -17.71
N GLY B 133 40.96 8.10 -18.24
CA GLY B 133 41.36 8.23 -19.62
C GLY B 133 42.48 7.28 -20.01
N SER B 134 43.46 7.11 -19.13
CA SER B 134 44.55 6.19 -19.44
C SER B 134 44.08 4.72 -19.34
N ALA B 135 43.09 4.44 -18.50
CA ALA B 135 42.47 3.12 -18.49
C ALA B 135 41.60 2.91 -19.74
N SER B 136 40.88 3.95 -20.15
CA SER B 136 39.96 3.89 -21.29
C SER B 136 40.68 3.70 -22.64
N GLN B 137 41.90 4.26 -22.75
CA GLN B 137 42.72 4.20 -23.96
C GLN B 137 43.16 2.78 -24.32
N ARG B 138 43.51 1.97 -23.30
CA ARG B 138 43.96 0.59 -23.51
C ARG B 138 42.85 -0.21 -24.19
N GLN B 139 43.11 -0.63 -25.42
CA GLN B 139 42.09 -1.31 -26.20
C GLN B 139 42.09 -2.84 -26.08
N THR B 140 43.12 -3.39 -25.43
CA THR B 140 43.17 -4.82 -25.17
C THR B 140 43.36 -5.05 -23.70
N GLY B 141 42.95 -6.22 -23.23
CA GLY B 141 43.11 -6.59 -21.83
C GLY B 141 42.12 -5.86 -20.94
N ALA B 142 42.27 -6.05 -19.63
CA ALA B 142 41.44 -5.43 -18.62
C ALA B 142 42.27 -4.49 -17.74
N SER B 143 41.69 -3.35 -17.37
CA SER B 143 42.29 -2.46 -16.37
C SER B 143 41.42 -2.33 -15.13
N VAL B 144 42.05 -2.56 -13.96
CA VAL B 144 41.44 -2.36 -12.65
C VAL B 144 42.29 -1.43 -11.77
N PHE B 145 41.76 -1.04 -10.61
CA PHE B 145 42.48 -0.21 -9.66
C PHE B 145 42.60 -0.87 -8.31
N ALA B 146 43.78 -0.68 -7.69
CA ALA B 146 44.06 -1.12 -6.32
C ALA B 146 44.29 0.08 -5.39
N TYR B 147 43.67 0.04 -4.22
CA TYR B 147 43.61 1.17 -3.30
C TYR B 147 43.88 0.68 -1.89
N HIS B 148 44.76 1.34 -1.17
CA HIS B 148 45.08 0.90 0.18
C HIS B 148 43.92 1.15 1.11
N VAL B 149 43.47 0.08 1.79
CA VAL B 149 42.37 0.16 2.73
C VAL B 149 42.73 -0.52 4.04
N LEU B 150 42.02 -0.16 5.10
CA LEU B 150 42.26 -0.72 6.42
C LEU B 150 41.73 -2.16 6.54
N ASP B 151 40.70 -2.49 5.77
CA ASP B 151 39.97 -3.74 5.91
C ASP B 151 39.93 -4.57 4.61
N PRO B 152 41.09 -5.10 4.16
CA PRO B 152 41.07 -5.73 2.83
C PRO B 152 40.24 -7.01 2.70
N GLU B 153 39.98 -7.71 3.82
CA GLU B 153 39.08 -8.89 3.84
C GLU B 153 37.72 -8.67 3.18
N ARG B 154 37.26 -7.42 3.14
CA ARG B 154 35.92 -7.14 2.59
C ARG B 154 35.87 -7.17 1.06
N TYR B 155 37.02 -7.37 0.42
CA TYR B 155 37.12 -7.10 -1.01
C TYR B 155 37.96 -8.10 -1.81
N GLY B 156 38.15 -7.80 -3.09
CA GLY B 156 39.15 -8.46 -3.92
C GLY B 156 40.53 -7.89 -3.63
N VAL B 157 41.40 -8.77 -3.13
CA VAL B 157 42.71 -8.38 -2.65
C VAL B 157 43.78 -8.67 -3.69
N VAL B 158 44.57 -7.67 -4.07
CA VAL B 158 45.65 -7.91 -5.03
C VAL B 158 47.02 -8.00 -4.33
N GLU B 159 47.72 -9.12 -4.58
CA GLU B 159 49.09 -9.33 -4.11
C GLU B 159 50.11 -8.94 -5.18
N PHE B 160 51.12 -8.19 -4.75
CA PHE B 160 52.22 -7.71 -5.58
C PHE B 160 53.54 -8.36 -5.18
N ASP B 161 54.42 -8.59 -6.14
CA ASP B 161 55.78 -9.05 -5.86
C ASP B 161 56.73 -7.88 -5.58
N GLN B 162 57.96 -8.16 -5.14
CA GLN B 162 58.91 -7.10 -4.74
C GLN B 162 59.11 -6.05 -5.85
N GLY B 163 58.90 -6.46 -7.09
CA GLY B 163 59.02 -5.56 -8.24
C GLY B 163 57.76 -4.75 -8.52
N GLY B 164 56.71 -5.00 -7.74
CA GLY B 164 55.43 -4.29 -7.91
C GLY B 164 54.48 -4.90 -8.93
N LYS B 165 54.76 -6.12 -9.40
CA LYS B 165 53.86 -6.77 -10.34
C LYS B 165 52.78 -7.56 -9.60
N ALA B 166 51.55 -7.45 -10.07
CA ALA B 166 50.42 -8.19 -9.54
C ALA B 166 50.55 -9.69 -9.83
N ILE B 167 50.60 -10.51 -8.78
CA ILE B 167 50.83 -11.96 -8.94
C ILE B 167 49.66 -12.85 -8.51
N SER B 168 48.80 -12.33 -7.64
CA SER B 168 47.55 -13.03 -7.26
C SER B 168 46.36 -12.12 -6.91
N LEU B 169 45.18 -12.71 -6.98
CA LEU B 169 43.92 -12.07 -6.60
C LEU B 169 43.14 -13.08 -5.79
N GLU B 170 42.62 -12.64 -4.64
CA GLU B 170 41.74 -13.48 -3.83
C GLU B 170 40.55 -12.66 -3.37
N GLU B 171 39.37 -13.27 -3.48
CA GLU B 171 38.13 -12.61 -3.11
C GLU B 171 37.80 -12.86 -1.65
N LYS B 172 37.74 -11.79 -0.86
CA LYS B 172 37.39 -11.86 0.56
C LYS B 172 38.24 -12.88 1.33
N PRO B 173 39.58 -12.83 1.17
CA PRO B 173 40.42 -13.85 1.81
C PRO B 173 40.35 -13.79 3.34
N LEU B 174 40.43 -14.94 4.00
CA LEU B 174 40.48 -14.97 5.46
C LEU B 174 41.76 -14.32 5.99
N GLU B 175 42.84 -14.43 5.20
CA GLU B 175 44.15 -13.92 5.57
C GLU B 175 44.73 -13.14 4.38
N PRO B 176 44.38 -11.84 4.25
CA PRO B 176 44.74 -11.09 3.03
C PRO B 176 46.24 -10.88 2.87
N LYS B 177 46.70 -10.84 1.63
CA LYS B 177 48.12 -10.84 1.30
C LYS B 177 48.74 -9.44 1.31
N SER B 178 47.93 -8.42 1.03
CA SER B 178 48.35 -7.04 1.17
C SER B 178 47.16 -6.26 1.74
N ASN B 179 47.28 -4.93 1.76
CA ASN B 179 46.18 -4.06 2.14
C ASN B 179 45.54 -3.37 0.92
N TYR B 180 45.83 -3.92 -0.26
CA TYR B 180 45.33 -3.38 -1.50
C TYR B 180 44.09 -4.10 -2.04
N ALA B 181 43.05 -3.30 -2.29
CA ALA B 181 41.73 -3.80 -2.66
C ALA B 181 41.41 -3.34 -4.06
N VAL B 182 40.77 -4.21 -4.83
CA VAL B 182 40.34 -3.82 -6.15
C VAL B 182 39.12 -2.91 -5.98
N THR B 183 39.18 -1.70 -6.49
CA THR B 183 38.01 -0.80 -6.40
C THR B 183 36.88 -1.29 -7.28
N GLY B 184 35.74 -0.61 -7.21
CA GLY B 184 34.55 -1.01 -7.97
C GLY B 184 34.48 -0.38 -9.34
N LEU B 185 35.62 -0.32 -10.01
CA LEU B 185 35.67 0.25 -11.36
C LEU B 185 36.52 -0.61 -12.26
N TYR B 186 35.94 -1.07 -13.36
CA TYR B 186 36.60 -2.06 -14.20
C TYR B 186 36.40 -1.78 -15.69
N PHE B 187 37.51 -1.84 -16.42
CA PHE B 187 37.54 -1.68 -17.87
C PHE B 187 37.92 -3.04 -18.48
N TYR B 188 37.24 -3.40 -19.56
CA TYR B 188 37.47 -4.67 -20.24
C TYR B 188 37.45 -4.48 -21.72
N ASP B 189 38.12 -5.39 -22.42
CA ASP B 189 38.04 -5.48 -23.88
C ASP B 189 36.88 -6.40 -24.29
N GLN B 190 36.94 -6.92 -25.52
CA GLN B 190 35.91 -7.80 -26.09
C GLN B 190 35.87 -9.22 -25.51
N GLN B 191 36.78 -9.53 -24.59
CA GLN B 191 36.91 -10.89 -24.08
C GLN B 191 35.99 -11.16 -22.90
N VAL B 192 35.47 -10.09 -22.27
CA VAL B 192 34.81 -10.23 -20.96
C VAL B 192 33.56 -11.11 -20.99
N VAL B 193 32.66 -10.83 -21.92
CA VAL B 193 31.41 -11.58 -22.05
C VAL B 193 31.69 -13.09 -22.11
N ASP B 194 32.67 -13.48 -22.93
CA ASP B 194 33.00 -14.90 -23.15
C ASP B 194 33.63 -15.54 -21.91
N ILE B 195 34.44 -14.75 -21.18
CA ILE B 195 35.00 -15.17 -19.89
C ILE B 195 33.90 -15.32 -18.86
N ALA B 196 33.00 -14.34 -18.81
CA ALA B 196 31.84 -14.40 -17.89
C ALA B 196 30.94 -15.60 -18.17
N ARG B 197 30.61 -15.83 -19.43
CA ARG B 197 29.75 -16.97 -19.78
C ARG B 197 30.32 -18.34 -19.36
N ASP B 198 31.64 -18.46 -19.26
CA ASP B 198 32.25 -19.72 -18.83
C ASP B 198 32.43 -19.83 -17.33
N LEU B 199 32.18 -18.74 -16.60
CA LEU B 199 32.30 -18.80 -15.14
C LEU B 199 31.31 -19.80 -14.54
N LYS B 200 31.76 -20.44 -13.46
CA LYS B 200 30.94 -21.32 -12.63
C LYS B 200 30.69 -20.62 -11.29
N PRO B 201 29.49 -20.80 -10.69
CA PRO B 201 29.15 -20.19 -9.40
C PRO B 201 30.12 -20.58 -8.28
N SER B 202 30.51 -19.61 -7.46
CA SER B 202 31.46 -19.82 -6.37
C SER B 202 30.85 -20.58 -5.17
N PRO B 203 31.66 -20.89 -4.13
CA PRO B 203 31.11 -21.50 -2.90
C PRO B 203 29.99 -20.67 -2.25
N ARG B 204 30.01 -19.36 -2.47
CA ARG B 204 28.94 -18.45 -2.03
C ARG B 204 27.77 -18.33 -3.04
N GLY B 205 27.84 -19.11 -4.12
CA GLY B 205 26.78 -19.15 -5.14
C GLY B 205 26.79 -17.97 -6.10
N GLU B 206 27.93 -17.30 -6.17
CA GLU B 206 28.04 -16.06 -6.94
C GLU B 206 28.96 -16.20 -8.14
N LEU B 207 28.58 -15.56 -9.24
CA LEU B 207 29.49 -15.38 -10.37
C LEU B 207 30.42 -14.20 -10.02
N GLU B 208 31.66 -14.52 -9.67
CA GLU B 208 32.63 -13.59 -9.09
C GLU B 208 33.30 -12.72 -10.15
N ILE B 209 33.27 -11.41 -9.94
CA ILE B 209 34.06 -10.47 -10.72
C ILE B 209 35.56 -10.76 -10.59
N THR B 210 35.99 -11.25 -9.41
CA THR B 210 37.41 -11.57 -9.17
C THR B 210 37.87 -12.76 -10.02
N ASP B 211 36.94 -13.66 -10.36
CA ASP B 211 37.21 -14.75 -11.30
C ASP B 211 37.39 -14.23 -12.72
N VAL B 212 36.61 -13.22 -13.11
CA VAL B 212 36.83 -12.56 -14.40
C VAL B 212 38.22 -11.90 -14.43
N ASN B 213 38.57 -11.20 -13.36
CA ASN B 213 39.84 -10.47 -13.31
C ASN B 213 41.03 -11.41 -13.23
N ARG B 214 40.87 -12.54 -12.54
CA ARG B 214 41.90 -13.57 -12.49
C ARG B 214 42.09 -14.26 -13.86
N ALA B 215 41.03 -14.28 -14.66
CA ALA B 215 41.13 -14.83 -16.03
C ALA B 215 42.09 -14.01 -16.85
N TYR B 216 41.96 -12.68 -16.80
CA TYR B 216 42.93 -11.81 -17.48
C TYR B 216 44.32 -11.89 -16.86
N LEU B 217 44.40 -12.05 -15.54
CA LEU B 217 45.71 -12.15 -14.85
C LEU B 217 46.55 -13.35 -15.31
N GLU B 218 45.94 -14.53 -15.38
CA GLU B 218 46.58 -15.75 -15.89
C GLU B 218 47.13 -15.60 -17.32
N ARG B 219 46.40 -14.87 -18.16
CA ARG B 219 46.83 -14.50 -19.53
C ARG B 219 47.82 -13.33 -19.56
N GLY B 220 48.20 -12.84 -18.38
CA GLY B 220 49.02 -11.64 -18.23
C GLY B 220 48.36 -10.42 -18.86
N GLN B 221 47.03 -10.39 -18.90
CA GLN B 221 46.33 -9.28 -19.54
C GLN B 221 45.60 -8.34 -18.57
N LEU B 222 45.94 -8.42 -17.28
CA LEU B 222 45.37 -7.56 -16.23
C LEU B 222 46.32 -6.43 -15.82
N SER B 223 45.98 -5.22 -16.23
CA SER B 223 46.66 -4.04 -15.72
C SER B 223 46.11 -3.62 -14.34
N VAL B 224 46.93 -3.70 -13.30
CA VAL B 224 46.52 -3.24 -11.97
C VAL B 224 47.20 -1.90 -11.65
N GLU B 225 46.48 -0.80 -11.88
CA GLU B 225 47.02 0.53 -11.58
C GLU B 225 46.73 0.89 -10.11
N ILE B 226 47.73 1.46 -9.43
CA ILE B 226 47.50 1.95 -8.06
C ILE B 226 46.66 3.22 -8.11
N MET B 227 45.58 3.25 -7.33
CA MET B 227 44.84 4.47 -7.08
C MET B 227 45.45 5.05 -5.80
N GLY B 228 46.27 6.09 -5.93
CA GLY B 228 47.09 6.61 -4.84
C GLY B 228 46.33 7.09 -3.60
N ARG B 229 47.04 7.24 -2.49
CA ARG B 229 46.41 7.69 -1.26
C ARG B 229 45.83 9.11 -1.35
N GLY B 230 46.14 9.81 -2.44
CA GLY B 230 45.58 11.15 -2.64
C GLY B 230 44.21 11.15 -3.28
N TYR B 231 43.69 9.96 -3.56
CA TYR B 231 42.33 9.78 -4.02
C TYR B 231 41.48 9.28 -2.88
N ALA B 232 40.22 9.66 -2.92
CA ALA B 232 39.27 9.15 -2.00
C ALA B 232 38.35 8.19 -2.74
N TRP B 233 38.39 6.93 -2.32
CA TRP B 233 37.40 5.94 -2.69
C TRP B 233 36.58 5.76 -1.45
N LEU B 234 35.34 6.24 -1.47
CA LEU B 234 34.53 6.23 -0.25
C LEU B 234 33.69 4.97 -0.08
N ASP B 235 33.48 4.64 1.18
CA ASP B 235 32.82 3.42 1.62
C ASP B 235 31.31 3.69 1.79
N THR B 236 30.46 2.98 1.04
CA THR B 236 29.02 3.02 1.31
C THR B 236 28.42 1.71 1.84
N GLY B 237 29.25 0.81 2.36
CA GLY B 237 28.79 -0.52 2.86
C GLY B 237 28.04 -0.60 4.19
N THR B 238 28.18 0.42 5.06
CA THR B 238 27.51 0.45 6.37
C THR B 238 26.78 1.78 6.59
N HIS B 239 25.93 1.85 7.61
CA HIS B 239 25.24 3.10 7.90
C HIS B 239 26.26 4.14 8.23
N ASP B 240 27.29 3.75 8.99
CA ASP B 240 28.35 4.68 9.45
C ASP B 240 29.13 5.25 8.29
N SER B 241 29.46 4.40 7.32
CA SER B 241 30.30 4.81 6.21
C SER B 241 29.50 5.67 5.22
N LEU B 242 28.21 5.42 5.17
CA LEU B 242 27.29 6.19 4.32
C LEU B 242 27.20 7.63 4.81
N LEU B 243 27.17 7.76 6.13
CA LEU B 243 27.14 9.05 6.81
C LEU B 243 28.43 9.83 6.59
N GLU B 244 29.56 9.17 6.82
CA GLU B 244 30.89 9.69 6.47
C GLU B 244 30.97 10.20 5.02
N ALA B 245 30.34 9.51 4.08
CA ALA B 245 30.41 9.91 2.66
C ALA B 245 29.66 11.21 2.41
N GLY B 246 28.45 11.29 2.95
CA GLY B 246 27.67 12.54 2.98
C GLY B 246 28.40 13.71 3.61
N GLN B 247 29.09 13.50 4.73
CA GLN B 247 29.87 14.54 5.44
CA GLN B 247 29.84 14.59 5.42
C GLN B 247 31.10 14.97 4.66
N PHE B 248 31.66 14.01 3.90
CA PHE B 248 32.87 14.24 3.13
C PHE B 248 32.54 15.08 1.90
N ILE B 249 31.45 14.72 1.21
CA ILE B 249 30.99 15.49 0.06
C ILE B 249 30.52 16.89 0.47
N ALA B 250 29.85 17.03 1.62
CA ALA B 250 29.33 18.33 2.06
C ALA B 250 30.46 19.32 2.37
N THR B 251 31.49 18.85 3.05
CA THR B 251 32.70 19.61 3.31
C THR B 251 33.39 20.13 2.03
N LEU B 252 33.51 19.26 1.02
CA LEU B 252 34.11 19.64 -0.24
C LEU B 252 33.28 20.69 -0.96
N GLU B 253 31.98 20.46 -1.11
CA GLU B 253 31.10 21.41 -1.83
C GLU B 253 30.89 22.77 -1.13
N ASN B 254 30.88 22.80 0.20
CA ASN B 254 30.66 24.04 0.93
C ASN B 254 31.92 24.92 1.00
N ARG B 255 33.07 24.26 0.97
CA ARG B 255 34.36 24.91 0.94
C ARG B 255 34.56 25.58 -0.41
N GLN B 256 34.22 24.86 -1.47
CA GLN B 256 34.60 25.23 -2.84
C GLN B 256 33.56 26.05 -3.57
N GLY B 257 32.30 25.91 -3.18
CA GLY B 257 31.19 26.37 -4.02
C GLY B 257 31.16 25.61 -5.35
N LEU B 258 31.78 24.43 -5.40
CA LEU B 258 31.72 23.57 -6.57
C LEU B 258 31.13 22.20 -6.17
N LYS B 259 30.43 21.54 -7.09
CA LYS B 259 29.84 20.24 -6.79
C LYS B 259 30.72 19.10 -7.28
N VAL B 260 30.64 17.96 -6.57
CA VAL B 260 31.24 16.68 -6.97
C VAL B 260 30.17 15.84 -7.64
N ALA B 261 30.52 15.22 -8.77
CA ALA B 261 29.60 14.35 -9.54
C ALA B 261 28.25 14.97 -9.89
N CYS B 262 28.26 16.20 -10.37
CA CYS B 262 27.07 16.84 -10.97
C CYS B 262 27.04 16.50 -12.44
N PRO B 263 26.10 15.64 -12.87
CA PRO B 263 26.14 15.10 -14.23
C PRO B 263 25.90 16.17 -15.29
N GLU B 264 25.04 17.13 -14.99
CA GLU B 264 24.74 18.20 -15.92
C GLU B 264 25.99 19.01 -16.19
N GLU B 265 26.78 19.26 -15.15
CA GLU B 265 28.02 20.02 -15.30
C GLU B 265 29.04 19.21 -16.11
N ILE B 266 29.18 17.93 -15.80
CA ILE B 266 30.12 17.05 -16.48
C ILE B 266 29.82 16.95 -17.97
N ALA B 267 28.55 16.71 -18.29
CA ALA B 267 28.10 16.71 -19.68
C ALA B 267 28.52 18.00 -20.36
N TYR B 268 28.22 19.13 -19.72
CA TYR B 268 28.49 20.46 -20.30
C TYR B 268 29.99 20.72 -20.56
N ARG B 269 30.85 20.25 -19.65
CA ARG B 269 32.30 20.41 -19.80
C ARG B 269 32.89 19.45 -20.84
N GLN B 270 32.30 18.25 -20.95
CA GLN B 270 32.58 17.29 -22.05
C GLN B 270 32.08 17.78 -23.40
N LYS B 271 31.29 18.86 -23.39
CA LYS B 271 30.69 19.47 -24.58
C LYS B 271 29.70 18.51 -25.25
N TRP B 272 28.95 17.78 -24.42
CA TRP B 272 27.86 16.91 -24.90
C TRP B 272 26.54 17.62 -24.89
N ILE B 273 26.47 18.74 -24.18
CA ILE B 273 25.31 19.64 -24.26
C ILE B 273 25.85 21.06 -24.36
N ASP B 274 25.12 21.95 -25.01
CA ASP B 274 25.59 23.30 -25.16
C ASP B 274 24.98 24.19 -24.08
N ALA B 275 25.49 25.42 -24.00
CA ALA B 275 24.99 26.41 -23.06
C ALA B 275 23.46 26.52 -23.03
N ALA B 276 22.82 26.47 -24.19
CA ALA B 276 21.37 26.64 -24.24
C ALA B 276 20.63 25.46 -23.56
N GLN B 277 21.13 24.24 -23.72
CA GLN B 277 20.55 23.07 -23.03
C GLN B 277 20.77 23.13 -21.51
N LEU B 278 21.98 23.47 -21.07
CA LEU B 278 22.21 23.63 -19.63
C LEU B 278 21.21 24.60 -19.00
N GLU B 279 20.96 25.71 -19.70
CA GLU B 279 20.03 26.75 -19.25
C GLU B 279 18.61 26.20 -19.02
N LYS B 280 18.14 25.38 -19.96
CA LYS B 280 16.85 24.69 -19.85
C LYS B 280 16.82 23.72 -18.68
N LEU B 281 17.93 22.99 -18.48
CA LEU B 281 18.06 22.08 -17.32
C LEU B 281 18.07 22.83 -15.99
N ALA B 282 18.58 24.05 -16.00
CA ALA B 282 18.63 24.89 -14.81
C ALA B 282 17.26 25.44 -14.41
N ALA B 283 16.28 25.37 -15.32
CA ALA B 283 14.97 26.00 -15.13
C ALA B 283 14.07 25.38 -14.06
N PRO B 284 13.91 24.03 -14.05
CA PRO B 284 12.97 23.47 -13.08
C PRO B 284 13.41 23.58 -11.64
N LEU B 285 14.72 23.64 -11.41
CA LEU B 285 15.28 23.67 -10.06
C LEU B 285 15.65 25.08 -9.61
N ALA B 286 15.33 26.07 -10.45
CA ALA B 286 15.75 27.48 -10.29
C ALA B 286 15.69 28.05 -8.87
N LYS B 287 14.71 27.63 -8.09
CA LYS B 287 14.49 28.16 -6.75
C LYS B 287 15.35 27.49 -5.66
N ASN B 288 15.97 26.36 -5.99
CA ASN B 288 16.86 25.74 -5.03
C ASN B 288 18.32 25.86 -5.45
N GLY B 289 19.23 25.44 -4.57
CA GLY B 289 20.68 25.56 -4.79
C GLY B 289 21.23 24.81 -5.99
N TYR B 290 20.56 23.73 -6.39
CA TYR B 290 21.05 22.89 -7.48
C TYR B 290 20.84 23.60 -8.82
N GLY B 291 19.64 24.14 -9.03
CA GLY B 291 19.40 25.02 -10.20
C GLY B 291 20.27 26.28 -10.17
N GLN B 292 20.46 26.83 -8.98
CA GLN B 292 21.24 28.05 -8.86
C GLN B 292 22.68 27.76 -9.31
N TYR B 293 23.19 26.59 -8.87
CA TYR B 293 24.46 26.05 -9.31
C TYR B 293 24.58 25.88 -10.83
N LEU B 294 23.59 25.25 -11.45
CA LEU B 294 23.66 25.03 -12.90
C LEU B 294 23.63 26.33 -13.70
N LYS B 295 22.79 27.30 -13.27
CA LYS B 295 22.72 28.65 -13.84
C LYS B 295 24.08 29.36 -13.77
N ARG B 296 24.67 29.42 -12.57
CA ARG B 296 25.98 30.02 -12.36
C ARG B 296 27.06 29.42 -13.27
N LEU B 297 26.93 28.16 -13.67
CA LEU B 297 27.92 27.51 -14.56
C LEU B 297 27.85 28.04 -16.00
N LEU B 298 26.79 28.76 -16.33
CA LEU B 298 26.67 29.36 -17.67
C LEU B 298 27.64 30.53 -17.90
N THR B 299 28.00 31.23 -16.83
CA THR B 299 28.73 32.50 -16.94
C THR B 299 30.10 32.52 -16.25
N GLU B 300 30.39 31.50 -15.45
CA GLU B 300 31.64 31.46 -14.69
C GLU B 300 32.69 30.57 -15.36
N THR B 301 33.95 30.99 -15.26
CA THR B 301 35.06 30.19 -15.74
C THR B 301 35.61 29.40 -14.55
N VAL B 302 35.65 28.08 -14.70
CA VAL B 302 36.15 27.20 -13.64
C VAL B 302 37.22 26.33 -14.25
N TYR B 303 38.43 26.40 -13.69
CA TYR B 303 39.56 25.64 -14.23
C TYR B 303 39.64 24.24 -13.62
N MET C 11 7.80 -1.36 -29.90
CA MET C 11 7.24 -0.33 -28.96
C MET C 11 6.49 -0.97 -27.77
N LYS C 12 6.62 -0.36 -26.59
CA LYS C 12 5.87 -0.82 -25.43
C LYS C 12 4.46 -0.25 -25.42
N ARG C 13 3.54 -1.06 -24.91
CA ARG C 13 2.16 -0.64 -24.77
C ARG C 13 1.85 -0.64 -23.28
N LYS C 14 1.32 0.48 -22.80
CA LYS C 14 1.00 0.69 -21.39
C LYS C 14 -0.50 0.55 -21.17
N GLY C 15 -0.88 0.13 -19.97
CA GLY C 15 -2.28 -0.10 -19.66
C GLY C 15 -2.86 0.93 -18.70
N ILE C 16 -4.18 1.13 -18.78
CA ILE C 16 -4.91 1.92 -17.81
C ILE C 16 -6.18 1.17 -17.39
N ILE C 17 -6.37 1.02 -16.08
CA ILE C 17 -7.62 0.54 -15.53
C ILE C 17 -8.36 1.71 -14.95
N LEU C 18 -9.52 2.00 -15.50
CA LEU C 18 -10.38 2.98 -14.90
C LEU C 18 -11.27 2.29 -13.87
N ALA C 19 -10.95 2.54 -12.59
CA ALA C 19 -11.68 1.96 -11.47
C ALA C 19 -12.39 3.07 -10.70
N GLY C 20 -13.18 3.85 -11.42
CA GLY C 20 -13.77 5.07 -10.89
C GLY C 20 -14.94 4.87 -9.94
N GLY C 21 -15.52 5.99 -9.52
CA GLY C 21 -16.65 5.99 -8.61
C GLY C 21 -17.94 5.62 -9.33
N SER C 22 -18.63 4.60 -8.79
CA SER C 22 -19.96 4.20 -9.30
C SER C 22 -21.07 4.98 -8.57
N GLY C 23 -20.68 6.10 -7.97
CA GLY C 23 -21.59 7.00 -7.27
C GLY C 23 -22.30 6.35 -6.10
N THR C 24 -23.59 6.07 -6.30
CA THR C 24 -24.45 5.50 -5.27
C THR C 24 -25.34 4.38 -5.81
N ARG C 25 -25.17 4.03 -7.09
CA ARG C 25 -25.98 3.01 -7.78
C ARG C 25 -26.03 1.65 -7.06
N LEU C 26 -24.97 1.28 -6.36
CA LEU C 26 -24.88 -0.03 -5.72
C LEU C 26 -24.85 0.05 -4.20
N HIS C 27 -25.24 1.22 -3.67
CA HIS C 27 -25.39 1.42 -2.23
C HIS C 27 -26.53 0.59 -1.74
N PRO C 28 -26.45 0.08 -0.50
CA PRO C 28 -25.38 0.27 0.50
C PRO C 28 -24.16 -0.65 0.40
N ALA C 29 -24.19 -1.71 -0.42
CA ALA C 29 -23.04 -2.62 -0.49
C ALA C 29 -21.70 -1.88 -0.67
N THR C 30 -21.76 -0.77 -1.41
CA THR C 30 -20.58 0.02 -1.77
C THR C 30 -20.26 1.19 -0.82
N LEU C 31 -21.04 1.34 0.25
CA LEU C 31 -20.66 2.23 1.37
C LEU C 31 -19.47 1.62 2.11
N ALA C 32 -19.45 0.29 2.14
CA ALA C 32 -18.37 -0.52 2.73
C ALA C 32 -17.05 -0.43 1.94
N ILE C 33 -17.10 -0.61 0.62
CA ILE C 33 -15.93 -0.60 -0.27
C ILE C 33 -16.28 -0.25 -1.70
N SER C 34 -15.31 0.31 -2.43
CA SER C 34 -15.49 0.64 -3.84
C SER C 34 -15.90 -0.59 -4.65
N LYS C 35 -16.68 -0.34 -5.68
CA LYS C 35 -17.19 -1.37 -6.55
C LYS C 35 -16.13 -2.40 -6.98
N GLN C 36 -14.98 -1.89 -7.45
CA GLN C 36 -13.99 -2.76 -8.05
C GLN C 36 -13.11 -3.46 -7.02
N LEU C 37 -13.46 -3.24 -5.75
CA LEU C 37 -12.90 -4.03 -4.67
C LEU C 37 -13.82 -5.16 -4.17
N LEU C 38 -15.10 -5.13 -4.54
CA LEU C 38 -16.01 -6.27 -4.23
C LEU C 38 -15.54 -7.50 -4.97
N PRO C 39 -15.76 -8.68 -4.41
CA PRO C 39 -15.29 -9.86 -5.12
C PRO C 39 -16.27 -10.36 -6.18
N VAL C 40 -15.72 -10.98 -7.23
CA VAL C 40 -16.50 -11.79 -8.13
C VAL C 40 -16.15 -13.22 -7.77
N TYR C 41 -17.04 -13.92 -7.05
CA TYR C 41 -16.74 -15.24 -6.46
C TYR C 41 -15.59 -15.18 -5.42
N ASP C 42 -14.35 -15.32 -5.86
CA ASP C 42 -13.25 -15.58 -4.92
C ASP C 42 -12.14 -14.54 -4.96
N LYS C 43 -12.28 -13.53 -5.81
CA LYS C 43 -11.21 -12.57 -5.98
C LYS C 43 -11.79 -11.20 -6.29
N PRO C 44 -11.08 -10.13 -5.89
CA PRO C 44 -11.54 -8.76 -6.11
C PRO C 44 -11.79 -8.48 -7.59
N MET C 45 -12.88 -7.77 -7.86
CA MET C 45 -13.28 -7.47 -9.25
C MET C 45 -12.10 -7.00 -10.07
N ILE C 46 -11.21 -6.23 -9.45
CA ILE C 46 -10.12 -5.63 -10.21
C ILE C 46 -9.12 -6.65 -10.77
N TYR C 47 -9.04 -7.81 -10.14
CA TYR C 47 -8.20 -8.91 -10.66
C TYR C 47 -8.50 -9.28 -12.12
N TYR C 48 -9.77 -9.16 -12.52
CA TYR C 48 -10.22 -9.58 -13.85
C TYR C 48 -9.72 -8.62 -14.94
N PRO C 49 -9.97 -7.29 -14.81
CA PRO C 49 -9.40 -6.40 -15.83
C PRO C 49 -7.88 -6.33 -15.78
N LEU C 50 -7.31 -6.50 -14.58
CA LEU C 50 -5.84 -6.56 -14.44
C LEU C 50 -5.31 -7.76 -15.21
N SER C 51 -5.90 -8.93 -14.96
CA SER C 51 -5.46 -10.16 -15.63
C SER C 51 -5.65 -10.06 -17.13
N THR C 52 -6.69 -9.33 -17.54
CA THR C 52 -6.96 -9.09 -18.97
C THR C 52 -5.80 -8.29 -19.62
N LEU C 53 -5.42 -7.19 -18.99
CA LEU C 53 -4.23 -6.48 -19.43
C LEU C 53 -2.96 -7.34 -19.42
N MET C 54 -2.77 -8.17 -18.40
CA MET C 54 -1.59 -9.05 -18.36
C MET C 54 -1.60 -10.01 -19.51
N LEU C 55 -2.78 -10.58 -19.78
CA LEU C 55 -2.95 -11.50 -20.89
C LEU C 55 -2.56 -10.83 -22.22
N ALA C 56 -2.85 -9.54 -22.35
CA ALA C 56 -2.41 -8.77 -23.54
C ALA C 56 -0.89 -8.47 -23.56
N GLY C 57 -0.15 -8.98 -22.58
CA GLY C 57 1.30 -8.75 -22.46
C GLY C 57 1.65 -7.36 -21.93
N ILE C 58 0.71 -6.70 -21.27
CA ILE C 58 0.97 -5.38 -20.77
C ILE C 58 1.41 -5.46 -19.30
N ARG C 59 2.57 -4.87 -18.99
CA ARG C 59 3.17 -4.97 -17.64
C ARG C 59 3.15 -3.65 -16.87
N GLU C 60 3.04 -2.54 -17.58
CA GLU C 60 3.12 -1.23 -16.95
C GLU C 60 1.73 -0.64 -17.02
N ILE C 61 1.10 -0.54 -15.85
CA ILE C 61 -0.35 -0.27 -15.76
C ILE C 61 -0.67 0.87 -14.78
N LEU C 62 -1.50 1.81 -15.23
CA LEU C 62 -2.00 2.90 -14.39
C LEU C 62 -3.44 2.63 -13.91
N ILE C 63 -3.66 2.75 -12.60
CA ILE C 63 -4.98 2.54 -12.02
C ILE C 63 -5.51 3.88 -11.57
N ILE C 64 -6.66 4.28 -12.14
CA ILE C 64 -7.34 5.53 -11.80
C ILE C 64 -8.57 5.26 -10.94
N SER C 65 -8.66 5.92 -9.78
CA SER C 65 -9.80 5.75 -8.89
C SER C 65 -9.93 7.01 -8.07
N THR C 66 -10.97 7.12 -7.25
CA THR C 66 -11.18 8.30 -6.41
C THR C 66 -10.04 8.50 -5.37
N PRO C 67 -9.87 9.73 -4.87
CA PRO C 67 -8.90 9.93 -3.78
C PRO C 67 -9.07 8.92 -2.65
N GLN C 68 -10.29 8.62 -2.28
CA GLN C 68 -10.56 7.76 -1.13
C GLN C 68 -10.31 6.28 -1.43
N ASP C 69 -10.46 5.93 -2.70
CA ASP C 69 -10.29 4.54 -3.13
C ASP C 69 -8.84 4.19 -3.49
N THR C 70 -8.07 5.20 -3.93
CA THR C 70 -6.68 4.99 -4.32
C THR C 70 -5.88 4.19 -3.27
N PRO C 71 -5.89 4.60 -1.99
CA PRO C 71 -5.07 3.81 -1.05
C PRO C 71 -5.54 2.39 -0.84
N ARG C 72 -6.82 2.12 -1.10
CA ARG C 72 -7.37 0.79 -0.89
C ARG C 72 -6.93 -0.17 -2.00
N PHE C 73 -6.92 0.28 -3.25
CA PHE C 73 -6.31 -0.50 -4.32
C PHE C 73 -4.81 -0.67 -4.08
N GLN C 74 -4.18 0.34 -3.52
CA GLN C 74 -2.73 0.26 -3.27
C GLN C 74 -2.40 -0.80 -2.21
N GLN C 75 -3.28 -0.97 -1.24
CA GLN C 75 -3.12 -1.97 -0.20
C GLN C 75 -3.30 -3.39 -0.76
N LEU C 76 -4.27 -3.55 -1.66
CA LEU C 76 -4.44 -4.83 -2.34
C LEU C 76 -3.29 -5.18 -3.26
N LEU C 77 -2.89 -4.23 -4.10
CA LEU C 77 -1.99 -4.51 -5.23
C LEU C 77 -0.51 -4.09 -5.10
N GLY C 78 -0.22 -3.09 -4.27
CA GLY C 78 1.15 -2.56 -4.15
C GLY C 78 1.57 -1.99 -5.47
N ASP C 79 2.86 -2.04 -5.75
CA ASP C 79 3.36 -1.53 -7.02
C ASP C 79 3.46 -2.61 -8.10
N GLY C 80 2.88 -3.78 -7.81
CA GLY C 80 2.80 -4.88 -8.77
C GLY C 80 4.09 -5.64 -9.05
N SER C 81 5.21 -5.21 -8.44
CA SER C 81 6.52 -5.83 -8.68
C SER C 81 6.57 -7.30 -8.21
N ASN C 82 5.72 -7.65 -7.25
CA ASN C 82 5.57 -9.06 -6.86
C ASN C 82 5.06 -9.98 -7.95
N TRP C 83 4.44 -9.39 -8.97
CA TRP C 83 3.88 -10.16 -10.08
C TRP C 83 4.57 -9.83 -11.35
N GLY C 84 5.70 -9.14 -11.26
CA GLY C 84 6.46 -8.76 -12.44
C GLY C 84 5.86 -7.57 -13.17
N LEU C 85 5.09 -6.76 -12.45
CA LEU C 85 4.41 -5.59 -13.05
C LEU C 85 4.89 -4.27 -12.47
N ASP C 86 4.58 -3.18 -13.17
CA ASP C 86 4.84 -1.85 -12.66
C ASP C 86 3.52 -1.14 -12.63
N LEU C 87 2.87 -1.19 -11.48
CA LEU C 87 1.58 -0.56 -11.29
C LEU C 87 1.78 0.83 -10.72
N GLN C 88 1.13 1.81 -11.33
CA GLN C 88 1.14 3.19 -10.84
C GLN C 88 -0.28 3.66 -10.60
N TYR C 89 -0.42 4.74 -9.87
CA TYR C 89 -1.72 5.18 -9.39
C TYR C 89 -1.93 6.66 -9.62
N ALA C 90 -3.19 7.02 -9.86
CA ALA C 90 -3.58 8.41 -10.07
C ALA C 90 -5.01 8.60 -9.62
N VAL C 91 -5.31 9.74 -9.03
CA VAL C 91 -6.66 9.94 -8.50
C VAL C 91 -7.51 10.61 -9.56
N GLN C 92 -8.79 10.29 -9.55
CA GLN C 92 -9.77 11.01 -10.35
C GLN C 92 -10.63 11.81 -9.38
N PRO C 93 -10.44 13.12 -9.33
CA PRO C 93 -11.22 13.92 -8.39
C PRO C 93 -12.71 13.75 -8.64
N SER C 94 -13.11 13.76 -9.92
CA SER C 94 -14.52 13.83 -10.29
C SER C 94 -14.88 12.81 -11.37
N PRO C 95 -16.12 12.29 -11.34
CA PRO C 95 -16.57 11.39 -12.41
C PRO C 95 -16.91 12.14 -13.70
N ASP C 96 -15.93 12.85 -14.25
CA ASP C 96 -16.13 13.77 -15.38
C ASP C 96 -16.03 13.11 -16.74
N GLY C 97 -16.19 11.79 -16.79
CA GLY C 97 -16.21 11.06 -18.05
C GLY C 97 -15.06 10.10 -18.21
N LEU C 98 -15.32 9.00 -18.90
CA LEU C 98 -14.35 7.92 -19.05
C LEU C 98 -13.15 8.30 -19.94
N ALA C 99 -13.35 9.23 -20.86
CA ALA C 99 -12.24 9.70 -21.71
C ALA C 99 -11.26 10.64 -20.99
N GLN C 100 -11.64 11.11 -19.81
CA GLN C 100 -10.74 11.92 -18.97
C GLN C 100 -9.49 11.13 -18.57
N ALA C 101 -9.59 9.80 -18.61
CA ALA C 101 -8.48 8.90 -18.32
C ALA C 101 -7.18 9.25 -19.09
N PHE C 102 -7.31 9.81 -20.28
CA PHE C 102 -6.17 10.15 -21.13
C PHE C 102 -5.54 11.49 -20.77
N LEU C 103 -6.33 12.38 -20.19
CA LEU C 103 -5.80 13.64 -19.67
C LEU C 103 -5.11 13.41 -18.32
N ILE C 104 -5.78 12.67 -17.43
CA ILE C 104 -5.20 12.26 -16.15
C ILE C 104 -3.96 11.40 -16.39
N GLY C 105 -4.02 10.55 -17.40
CA GLY C 105 -2.93 9.60 -17.67
C GLY C 105 -1.91 10.06 -18.67
N GLU C 106 -2.01 11.34 -19.05
CA GLU C 106 -1.12 11.94 -20.05
C GLU C 106 0.38 11.70 -19.84
N SER C 107 0.90 11.99 -18.66
CA SER C 107 2.36 11.87 -18.46
C SER C 107 2.80 10.42 -18.36
N PHE C 108 1.93 9.59 -17.79
CA PHE C 108 2.13 8.14 -17.77
C PHE C 108 2.16 7.54 -19.18
N ILE C 109 1.26 8.00 -20.06
CA ILE C 109 1.24 7.48 -21.43
C ILE C 109 2.52 7.89 -22.17
N GLY C 110 2.93 9.15 -22.00
CA GLY C 110 4.04 9.71 -22.73
C GLY C 110 3.85 9.58 -24.24
N ASN C 111 4.88 9.05 -24.87
CA ASN C 111 4.89 8.91 -26.31
C ASN C 111 4.56 7.46 -26.70
N ASP C 112 4.09 6.68 -25.73
CA ASP C 112 3.85 5.26 -25.95
C ASP C 112 2.45 4.92 -26.45
N LEU C 113 2.25 3.64 -26.75
CA LEU C 113 0.92 3.12 -27.11
C LEU C 113 0.21 2.78 -25.81
N SER C 114 -1.11 2.69 -25.87
CA SER C 114 -1.87 2.44 -24.66
C SER C 114 -2.97 1.41 -24.86
N ALA C 115 -3.51 0.97 -23.73
CA ALA C 115 -4.74 0.17 -23.68
C ALA C 115 -5.53 0.59 -22.44
N LEU C 116 -6.84 0.75 -22.62
CA LEU C 116 -7.75 1.15 -21.56
C LEU C 116 -8.79 0.06 -21.34
N VAL C 117 -8.96 -0.33 -20.08
CA VAL C 117 -9.92 -1.35 -19.70
C VAL C 117 -10.75 -0.86 -18.52
N LEU C 118 -12.05 -1.12 -18.58
CA LEU C 118 -12.96 -0.79 -17.49
C LEU C 118 -12.80 -1.78 -16.35
N GLY C 119 -12.82 -1.25 -15.12
CA GLY C 119 -12.60 -2.03 -13.90
C GLY C 119 -13.68 -3.01 -13.51
N ASP C 120 -14.80 -2.97 -14.22
CA ASP C 120 -15.91 -3.89 -13.92
C ASP C 120 -16.27 -4.82 -15.09
N ASN C 121 -15.36 -4.98 -16.04
CA ASN C 121 -15.62 -5.90 -17.13
C ASN C 121 -14.89 -7.22 -16.93
N LEU C 122 -15.62 -8.28 -17.17
CA LEU C 122 -15.11 -9.62 -17.05
C LEU C 122 -15.20 -10.31 -18.41
N TYR C 123 -14.11 -10.95 -18.82
CA TYR C 123 -14.03 -11.70 -20.05
C TYR C 123 -13.58 -13.14 -19.84
N TYR C 124 -13.98 -14.01 -20.77
CA TYR C 124 -13.57 -15.39 -20.70
C TYR C 124 -13.72 -16.07 -22.06
N GLY C 125 -12.70 -16.85 -22.44
CA GLY C 125 -12.83 -17.74 -23.59
C GLY C 125 -11.57 -18.25 -24.21
N HIS C 126 -11.74 -19.09 -25.23
CA HIS C 126 -10.66 -19.81 -25.83
C HIS C 126 -9.88 -18.92 -26.74
N ASP C 127 -8.56 -18.92 -26.56
CA ASP C 127 -7.66 -18.09 -27.37
C ASP C 127 -7.92 -16.60 -27.12
N PHE C 128 -8.42 -16.27 -25.93
CA PHE C 128 -8.56 -14.87 -25.58
C PHE C 128 -7.21 -14.13 -25.75
N HIS C 129 -6.13 -14.83 -25.40
CA HIS C 129 -4.75 -14.37 -25.52
C HIS C 129 -4.44 -13.95 -26.94
N GLU C 130 -4.79 -14.79 -27.91
CA GLU C 130 -4.54 -14.52 -29.31
C GLU C 130 -5.43 -13.40 -29.83
N LEU C 131 -6.67 -13.32 -29.36
CA LEU C 131 -7.53 -12.20 -29.69
C LEU C 131 -6.89 -10.87 -29.23
N LEU C 132 -6.38 -10.85 -28.00
CA LEU C 132 -5.70 -9.68 -27.47
C LEU C 132 -4.41 -9.35 -28.22
N GLY C 133 -3.58 -10.37 -28.46
CA GLY C 133 -2.37 -10.23 -29.24
C GLY C 133 -2.55 -9.51 -30.57
N SER C 134 -3.58 -9.89 -31.32
CA SER C 134 -3.81 -9.30 -32.64
C SER C 134 -4.23 -7.82 -32.56
N ALA C 135 -4.93 -7.45 -31.49
CA ALA C 135 -5.22 -6.04 -31.25
C ALA C 135 -3.95 -5.31 -30.76
N SER C 136 -3.20 -5.95 -29.88
CA SER C 136 -2.02 -5.34 -29.28
C SER C 136 -0.89 -5.14 -30.30
N GLN C 137 -0.92 -5.93 -31.37
CA GLN C 137 0.14 -5.98 -32.39
C GLN C 137 0.05 -4.83 -33.40
N ARG C 138 -1.17 -4.35 -33.67
CA ARG C 138 -1.37 -3.17 -34.51
C ARG C 138 -0.79 -1.92 -33.82
N GLN C 139 0.41 -1.52 -34.26
CA GLN C 139 1.11 -0.37 -33.68
C GLN C 139 0.54 0.96 -34.18
N THR C 140 -0.59 0.90 -34.88
CA THR C 140 -1.17 2.08 -35.54
C THR C 140 -2.68 2.08 -35.50
N GLY C 141 -3.25 3.24 -35.24
CA GLY C 141 -4.69 3.39 -35.15
C GLY C 141 -5.19 2.86 -33.82
N ALA C 142 -6.48 2.49 -33.79
CA ALA C 142 -7.12 2.00 -32.59
C ALA C 142 -7.87 0.71 -32.89
N SER C 143 -7.94 -0.16 -31.89
CA SER C 143 -8.69 -1.41 -31.97
C SER C 143 -9.68 -1.55 -30.82
N VAL C 144 -10.92 -1.90 -31.18
CA VAL C 144 -12.00 -2.18 -30.23
C VAL C 144 -12.65 -3.50 -30.62
N PHE C 145 -13.51 -4.01 -29.74
CA PHE C 145 -14.15 -5.29 -29.92
C PHE C 145 -15.64 -5.11 -29.86
N ALA C 146 -16.34 -5.73 -30.82
CA ALA C 146 -17.81 -5.69 -30.88
C ALA C 146 -18.37 -7.02 -30.43
N TYR C 147 -19.43 -7.00 -29.63
CA TYR C 147 -19.97 -8.20 -29.02
C TYR C 147 -21.47 -8.17 -28.99
N HIS C 148 -22.10 -9.19 -29.57
CA HIS C 148 -23.57 -9.28 -29.60
C HIS C 148 -24.18 -9.30 -28.25
N VAL C 149 -24.99 -8.30 -27.94
CA VAL C 149 -25.74 -8.30 -26.68
C VAL C 149 -27.25 -8.18 -26.87
N LEU C 150 -28.00 -8.55 -25.83
CA LEU C 150 -29.46 -8.40 -25.81
C LEU C 150 -29.90 -6.94 -25.70
N ASP C 151 -29.11 -6.16 -24.95
CA ASP C 151 -29.44 -4.78 -24.59
C ASP C 151 -28.39 -3.78 -25.06
N PRO C 152 -28.29 -3.56 -26.39
CA PRO C 152 -27.27 -2.65 -26.86
C PRO C 152 -27.44 -1.19 -26.40
N GLU C 153 -28.66 -0.77 -26.00
CA GLU C 153 -28.97 0.62 -25.52
C GLU C 153 -28.00 1.07 -24.45
N ARG C 154 -27.45 0.11 -23.71
CA ARG C 154 -26.67 0.44 -22.53
C ARG C 154 -25.22 0.75 -22.87
N TYR C 155 -24.85 0.57 -24.14
CA TYR C 155 -23.44 0.71 -24.53
C TYR C 155 -23.22 1.57 -25.75
N GLY C 156 -21.94 1.80 -26.06
CA GLY C 156 -21.50 2.17 -27.38
C GLY C 156 -21.84 1.03 -28.34
N VAL C 157 -22.51 1.37 -29.44
CA VAL C 157 -23.03 0.41 -30.42
C VAL C 157 -22.38 0.69 -31.78
N VAL C 158 -21.88 -0.36 -32.43
CA VAL C 158 -21.27 -0.24 -33.74
C VAL C 158 -22.20 -0.73 -34.85
N GLU C 159 -22.33 0.08 -35.90
CA GLU C 159 -23.12 -0.23 -37.09
C GLU C 159 -22.17 -0.69 -38.21
N PHE C 160 -22.51 -1.81 -38.82
CA PHE C 160 -21.71 -2.36 -39.92
C PHE C 160 -22.49 -2.24 -41.22
N ASP C 161 -21.79 -2.07 -42.34
CA ASP C 161 -22.44 -2.16 -43.67
C ASP C 161 -22.52 -3.63 -44.08
N GLN C 162 -23.10 -3.92 -45.25
CA GLN C 162 -23.32 -5.30 -45.70
C GLN C 162 -22.02 -6.08 -45.88
N GLY C 163 -20.92 -5.37 -46.12
CA GLY C 163 -19.62 -6.00 -46.26
C GLY C 163 -18.90 -6.23 -44.95
N GLY C 164 -19.51 -5.83 -43.83
CA GLY C 164 -18.90 -6.05 -42.51
C GLY C 164 -17.96 -4.93 -42.09
N LYS C 165 -18.03 -3.81 -42.81
CA LYS C 165 -17.26 -2.62 -42.45
C LYS C 165 -18.04 -1.78 -41.44
N ALA C 166 -17.37 -1.39 -40.37
CA ALA C 166 -17.90 -0.43 -39.41
C ALA C 166 -18.11 0.95 -40.06
N ILE C 167 -19.32 1.51 -39.93
CA ILE C 167 -19.67 2.79 -40.57
C ILE C 167 -20.26 3.87 -39.65
N SER C 168 -20.72 3.47 -38.46
CA SER C 168 -21.10 4.42 -37.41
C SER C 168 -20.92 3.86 -36.00
N LEU C 169 -20.80 4.77 -35.03
CA LEU C 169 -20.74 4.46 -33.61
C LEU C 169 -21.65 5.43 -32.89
N GLU C 170 -22.40 4.93 -31.93
CA GLU C 170 -23.31 5.76 -31.17
C GLU C 170 -23.20 5.36 -29.72
N GLU C 171 -23.19 6.37 -28.84
CA GLU C 171 -23.18 6.19 -27.39
C GLU C 171 -24.57 6.03 -26.81
N LYS C 172 -24.82 4.86 -26.24
CA LYS C 172 -26.07 4.53 -25.55
C LYS C 172 -27.30 4.93 -26.35
N PRO C 173 -27.39 4.49 -27.62
CA PRO C 173 -28.52 5.00 -28.41
C PRO C 173 -29.84 4.39 -27.93
N LEU C 174 -30.88 5.20 -27.79
CA LEU C 174 -32.21 4.69 -27.44
C LEU C 174 -32.76 3.75 -28.51
N GLU C 175 -32.31 3.93 -29.75
CA GLU C 175 -32.72 3.09 -30.87
C GLU C 175 -31.48 2.54 -31.59
N PRO C 176 -30.89 1.47 -31.02
CA PRO C 176 -29.66 0.90 -31.54
C PRO C 176 -29.76 0.52 -33.01
N LYS C 177 -28.71 0.80 -33.78
CA LYS C 177 -28.64 0.34 -35.16
C LYS C 177 -28.29 -1.15 -35.32
N SER C 178 -27.70 -1.77 -34.29
CA SER C 178 -27.41 -3.22 -34.27
C SER C 178 -27.39 -3.77 -32.85
N ASN C 179 -27.18 -5.07 -32.73
CA ASN C 179 -27.02 -5.67 -31.41
C ASN C 179 -25.56 -5.77 -30.92
N TYR C 180 -24.66 -5.12 -31.67
CA TYR C 180 -23.23 -5.12 -31.41
C TYR C 180 -22.73 -4.00 -30.50
N ALA C 181 -22.45 -4.34 -29.24
CA ALA C 181 -21.82 -3.40 -28.30
C ALA C 181 -20.29 -3.39 -28.43
N VAL C 182 -19.71 -2.24 -28.12
CA VAL C 182 -18.26 -2.10 -27.99
C VAL C 182 -17.89 -2.47 -26.55
N THR C 183 -17.11 -3.53 -26.35
CA THR C 183 -16.65 -3.92 -25.01
C THR C 183 -15.74 -2.84 -24.40
N GLY C 184 -15.58 -2.87 -23.08
CA GLY C 184 -14.84 -1.83 -22.35
C GLY C 184 -13.37 -2.12 -22.34
N LEU C 185 -12.83 -2.42 -23.52
CA LEU C 185 -11.44 -2.79 -23.68
C LEU C 185 -10.97 -2.22 -25.01
N TYR C 186 -10.04 -1.27 -24.94
CA TYR C 186 -9.63 -0.46 -26.09
C TYR C 186 -8.11 -0.33 -26.20
N PHE C 187 -7.60 -0.39 -27.44
CA PHE C 187 -6.17 -0.28 -27.71
C PHE C 187 -5.99 0.99 -28.53
N TYR C 188 -5.02 1.84 -28.16
CA TYR C 188 -4.77 3.13 -28.86
C TYR C 188 -3.29 3.35 -29.26
N ASP C 189 -3.07 3.99 -30.40
CA ASP C 189 -1.73 4.44 -30.77
C ASP C 189 -1.40 5.77 -30.08
N GLN C 190 -0.39 6.48 -30.56
CA GLN C 190 0.09 7.68 -29.89
C GLN C 190 -0.83 8.89 -30.06
N GLN C 191 -1.84 8.77 -30.92
CA GLN C 191 -2.72 9.90 -31.25
C GLN C 191 -3.79 10.18 -30.22
N VAL C 192 -3.97 9.26 -29.27
CA VAL C 192 -5.18 9.29 -28.44
C VAL C 192 -5.24 10.47 -27.46
N VAL C 193 -4.11 10.83 -26.89
CA VAL C 193 -4.03 11.95 -25.97
C VAL C 193 -4.50 13.23 -26.64
N ASP C 194 -3.99 13.46 -27.86
CA ASP C 194 -4.28 14.68 -28.63
C ASP C 194 -5.72 14.72 -29.11
N ILE C 195 -6.22 13.58 -29.60
CA ILE C 195 -7.65 13.41 -29.87
C ILE C 195 -8.50 13.73 -28.64
N ALA C 196 -8.11 13.21 -27.48
CA ALA C 196 -8.86 13.43 -26.24
C ALA C 196 -8.86 14.90 -25.83
N ARG C 197 -7.74 15.59 -26.01
CA ARG C 197 -7.62 16.99 -25.60
C ARG C 197 -8.55 17.93 -26.38
N ASP C 198 -8.86 17.57 -27.64
CA ASP C 198 -9.70 18.39 -28.51
C ASP C 198 -11.21 18.18 -28.33
N LEU C 199 -11.61 17.45 -27.29
CA LEU C 199 -13.04 17.19 -27.07
C LEU C 199 -13.62 18.10 -26.00
N LYS C 200 -14.90 18.44 -26.16
CA LYS C 200 -15.61 19.32 -25.22
C LYS C 200 -16.82 18.60 -24.61
N PRO C 201 -17.06 18.79 -23.28
CA PRO C 201 -18.04 17.99 -22.51
C PRO C 201 -19.38 17.72 -23.20
N SER C 202 -19.83 16.47 -23.17
CA SER C 202 -21.04 16.04 -23.87
C SER C 202 -22.33 16.51 -23.17
N PRO C 203 -23.50 16.35 -23.83
CA PRO C 203 -24.82 16.62 -23.26
C PRO C 203 -24.98 16.18 -21.80
N ARG C 204 -24.62 14.93 -21.51
CA ARG C 204 -24.74 14.35 -20.17
C ARG C 204 -23.74 14.93 -19.14
N GLY C 205 -22.66 15.54 -19.64
CA GLY C 205 -21.66 16.22 -18.79
C GLY C 205 -20.27 15.60 -18.78
N GLU C 206 -20.07 14.59 -19.64
CA GLU C 206 -18.88 13.72 -19.57
C GLU C 206 -18.00 13.76 -20.83
N LEU C 207 -16.73 13.40 -20.68
CA LEU C 207 -15.83 13.18 -21.82
C LEU C 207 -16.00 11.73 -22.26
N GLU C 208 -16.42 11.52 -23.50
CA GLU C 208 -16.91 10.21 -23.89
C GLU C 208 -15.97 9.37 -24.76
N ILE C 209 -15.81 8.11 -24.37
CA ILE C 209 -14.94 7.21 -25.09
C ILE C 209 -15.38 7.02 -26.55
N THR C 210 -16.69 7.01 -26.79
CA THR C 210 -17.21 6.83 -28.13
C THR C 210 -16.73 7.91 -29.12
N ASP C 211 -16.56 9.14 -28.61
CA ASP C 211 -16.09 10.25 -29.43
C ASP C 211 -14.62 10.09 -29.82
N VAL C 212 -13.78 9.64 -28.88
CA VAL C 212 -12.41 9.24 -29.20
C VAL C 212 -12.43 8.20 -30.31
N ASN C 213 -13.31 7.20 -30.14
CA ASN C 213 -13.37 6.07 -31.06
C ASN C 213 -13.85 6.47 -32.44
N ARG C 214 -14.81 7.39 -32.47
CA ARG C 214 -15.34 7.96 -33.72
C ARG C 214 -14.31 8.79 -34.49
N ALA C 215 -13.46 9.52 -33.78
CA ALA C 215 -12.35 10.24 -34.41
C ALA C 215 -11.39 9.30 -35.15
N TYR C 216 -11.12 8.12 -34.57
CA TYR C 216 -10.35 7.13 -35.29
C TYR C 216 -11.09 6.58 -36.49
N LEU C 217 -12.39 6.35 -36.32
CA LEU C 217 -13.20 5.83 -37.42
C LEU C 217 -13.20 6.82 -38.61
N GLU C 218 -13.28 8.13 -38.33
CA GLU C 218 -13.29 9.15 -39.39
C GLU C 218 -11.94 9.29 -40.08
N ARG C 219 -10.85 9.05 -39.33
CA ARG C 219 -9.50 9.03 -39.89
C ARG C 219 -9.24 7.73 -40.67
N GLY C 220 -10.25 6.87 -40.76
CA GLY C 220 -10.08 5.53 -41.35
C GLY C 220 -9.10 4.67 -40.56
N GLN C 221 -8.95 4.93 -39.25
CA GLN C 221 -7.93 4.19 -38.47
C GLN C 221 -8.46 3.33 -37.29
N LEU C 222 -9.74 2.99 -37.33
CA LEU C 222 -10.35 2.18 -36.29
C LEU C 222 -10.51 0.75 -36.79
N SER C 223 -9.90 -0.17 -36.09
CA SER C 223 -10.16 -1.59 -36.34
C SER C 223 -11.24 -2.09 -35.36
N VAL C 224 -12.30 -2.68 -35.89
CA VAL C 224 -13.35 -3.27 -35.08
C VAL C 224 -13.39 -4.79 -35.29
N GLU C 225 -12.85 -5.54 -34.33
CA GLU C 225 -12.89 -6.98 -34.41
C GLU C 225 -14.07 -7.53 -33.63
N ILE C 226 -14.68 -8.57 -34.17
CA ILE C 226 -15.77 -9.25 -33.49
C ILE C 226 -15.21 -10.12 -32.36
N MET C 227 -15.72 -9.92 -31.14
CA MET C 227 -15.56 -10.90 -30.06
C MET C 227 -16.73 -11.88 -30.19
N GLY C 228 -16.42 -13.12 -30.62
CA GLY C 228 -17.42 -14.13 -30.99
C GLY C 228 -18.29 -14.51 -29.81
N ARG C 229 -19.43 -15.12 -30.12
CA ARG C 229 -20.41 -15.58 -29.13
C ARG C 229 -19.88 -16.67 -28.19
N GLY C 230 -18.81 -17.35 -28.60
CA GLY C 230 -18.13 -18.34 -27.76
C GLY C 230 -17.27 -17.75 -26.64
N TYR C 231 -17.08 -16.43 -26.64
CA TYR C 231 -16.55 -15.70 -25.48
C TYR C 231 -17.68 -15.20 -24.57
N ALA C 232 -17.38 -15.10 -23.29
CA ALA C 232 -18.31 -14.52 -22.36
C ALA C 232 -17.77 -13.15 -22.02
N TRP C 233 -18.57 -12.13 -22.31
CA TRP C 233 -18.32 -10.80 -21.78
C TRP C 233 -19.41 -10.48 -20.81
N LEU C 234 -19.06 -10.40 -19.54
CA LEU C 234 -20.03 -10.07 -18.49
C LEU C 234 -19.65 -8.72 -17.85
N ASP C 235 -20.63 -7.95 -17.45
CA ASP C 235 -20.29 -6.83 -16.58
C ASP C 235 -21.02 -6.89 -15.27
N THR C 236 -20.54 -6.10 -14.34
CA THR C 236 -20.76 -6.35 -12.96
C THR C 236 -21.20 -5.05 -12.29
N GLY C 237 -22.04 -4.30 -13.00
CA GLY C 237 -22.56 -3.03 -12.50
C GLY C 237 -23.90 -2.99 -11.77
N THR C 238 -24.63 -4.10 -11.76
CA THR C 238 -25.81 -4.22 -10.92
C THR C 238 -25.64 -5.35 -9.90
N HIS C 239 -26.41 -5.32 -8.82
CA HIS C 239 -26.39 -6.40 -7.84
C HIS C 239 -26.71 -7.76 -8.43
N ASP C 240 -27.67 -7.80 -9.35
CA ASP C 240 -28.04 -9.04 -10.05
C ASP C 240 -26.90 -9.57 -10.93
N SER C 241 -26.30 -8.68 -11.72
CA SER C 241 -25.27 -9.10 -12.69
C SER C 241 -23.97 -9.52 -12.00
N LEU C 242 -23.65 -8.85 -10.89
CA LEU C 242 -22.50 -9.18 -10.06
C LEU C 242 -22.60 -10.61 -9.54
N LEU C 243 -23.80 -10.95 -9.06
CA LEU C 243 -24.18 -12.29 -8.61
C LEU C 243 -24.12 -13.32 -9.74
N GLU C 244 -24.64 -12.95 -10.92
CA GLU C 244 -24.51 -13.82 -12.10
C GLU C 244 -23.06 -14.08 -12.49
N ALA C 245 -22.22 -13.04 -12.49
CA ALA C 245 -20.81 -13.22 -12.81
C ALA C 245 -20.13 -14.17 -11.81
N GLY C 246 -20.51 -14.06 -10.52
CA GLY C 246 -20.00 -14.95 -9.46
C GLY C 246 -20.26 -16.44 -9.70
N GLN C 247 -21.53 -16.75 -9.96
CA GLN C 247 -21.99 -18.10 -10.29
CA GLN C 247 -21.93 -18.13 -10.25
C GLN C 247 -21.22 -18.65 -11.51
N PHE C 248 -21.08 -17.81 -12.53
CA PHE C 248 -20.40 -18.16 -13.75
C PHE C 248 -18.94 -18.59 -13.50
N ILE C 249 -18.18 -17.78 -12.73
CA ILE C 249 -16.79 -18.07 -12.48
C ILE C 249 -16.70 -19.32 -11.59
N ALA C 250 -17.54 -19.37 -10.56
CA ALA C 250 -17.55 -20.52 -9.66
C ALA C 250 -17.80 -21.82 -10.42
N THR C 251 -18.74 -21.79 -11.35
CA THR C 251 -19.05 -22.99 -12.12
C THR C 251 -17.83 -23.43 -12.91
N LEU C 252 -17.17 -22.49 -13.60
CA LEU C 252 -15.96 -22.78 -14.38
C LEU C 252 -14.85 -23.33 -13.49
N GLU C 253 -14.57 -22.64 -12.39
CA GLU C 253 -13.47 -23.02 -11.50
C GLU C 253 -13.68 -24.37 -10.82
N ASN C 254 -14.89 -24.62 -10.36
CA ASN C 254 -15.22 -25.88 -9.70
C ASN C 254 -15.27 -27.07 -10.64
N ARG C 255 -15.55 -26.80 -11.91
CA ARG C 255 -15.51 -27.82 -12.95
C ARG C 255 -14.07 -28.20 -13.27
N GLN C 256 -13.25 -27.18 -13.46
CA GLN C 256 -11.92 -27.31 -14.04
C GLN C 256 -10.81 -27.64 -13.06
N GLY C 257 -10.98 -27.23 -11.80
CA GLY C 257 -9.85 -27.19 -10.87
C GLY C 257 -8.80 -26.19 -11.33
N LEU C 258 -9.22 -25.25 -12.19
CA LEU C 258 -8.38 -24.12 -12.66
C LEU C 258 -9.07 -22.79 -12.39
N LYS C 259 -8.31 -21.71 -12.36
CA LYS C 259 -8.91 -20.43 -12.05
C LYS C 259 -8.98 -19.51 -13.26
N VAL C 260 -9.98 -18.65 -13.27
CA VAL C 260 -10.04 -17.55 -14.24
C VAL C 260 -9.51 -16.26 -13.60
N ALA C 261 -8.51 -15.66 -14.23
CA ALA C 261 -8.02 -14.35 -13.81
C ALA C 261 -7.28 -14.38 -12.48
N CYS C 262 -6.38 -15.35 -12.34
CA CYS C 262 -5.48 -15.45 -11.22
C CYS C 262 -4.20 -14.77 -11.71
N PRO C 263 -3.92 -13.54 -11.26
CA PRO C 263 -2.76 -12.79 -11.79
C PRO C 263 -1.40 -13.49 -11.60
N GLU C 264 -1.22 -14.15 -10.46
CA GLU C 264 0.00 -14.89 -10.19
C GLU C 264 0.29 -15.98 -11.21
N GLU C 265 -0.74 -16.75 -11.57
CA GLU C 265 -0.65 -17.75 -12.63
C GLU C 265 -0.31 -17.10 -13.96
N ILE C 266 -1.02 -16.03 -14.28
CA ILE C 266 -0.79 -15.35 -15.55
C ILE C 266 0.66 -14.85 -15.64
N ALA C 267 1.17 -14.19 -14.59
CA ALA C 267 2.55 -13.71 -14.58
C ALA C 267 3.60 -14.83 -14.71
N TYR C 268 3.31 -15.97 -14.09
CA TYR C 268 4.15 -17.16 -14.15
C TYR C 268 4.17 -17.70 -15.57
N ARG C 269 2.99 -17.90 -16.14
CA ARG C 269 2.92 -18.39 -17.52
C ARG C 269 3.54 -17.42 -18.52
N GLN C 270 3.43 -16.12 -18.26
CA GLN C 270 4.03 -15.10 -19.16
C GLN C 270 5.57 -14.99 -19.04
N LYS C 271 6.15 -15.75 -18.09
CA LYS C 271 7.59 -15.70 -17.74
C LYS C 271 8.03 -14.35 -17.14
N TRP C 272 7.11 -13.70 -16.41
CA TRP C 272 7.41 -12.45 -15.74
C TRP C 272 7.93 -12.67 -14.36
N ILE C 273 7.47 -13.75 -13.72
CA ILE C 273 8.03 -14.24 -12.47
C ILE C 273 8.36 -15.71 -12.67
N ASP C 274 9.17 -16.28 -11.78
CA ASP C 274 9.62 -17.66 -11.93
C ASP C 274 9.13 -18.56 -10.81
N ALA C 275 9.48 -19.83 -10.90
CA ALA C 275 8.95 -20.82 -9.98
C ALA C 275 9.20 -20.45 -8.52
N ALA C 276 10.36 -19.86 -8.25
CA ALA C 276 10.79 -19.56 -6.89
C ALA C 276 10.00 -18.37 -6.38
N GLN C 277 9.87 -17.36 -7.24
CA GLN C 277 9.05 -16.21 -6.91
C GLN C 277 7.59 -16.60 -6.71
N LEU C 278 7.07 -17.47 -7.57
CA LEU C 278 5.71 -18.02 -7.37
C LEU C 278 5.57 -18.81 -6.08
N GLU C 279 6.61 -19.53 -5.69
CA GLU C 279 6.61 -20.26 -4.41
C GLU C 279 6.49 -19.32 -3.20
N LYS C 280 7.22 -18.20 -3.22
CA LYS C 280 7.16 -17.21 -2.15
C LYS C 280 5.77 -16.61 -2.01
N LEU C 281 5.09 -16.37 -3.13
CA LEU C 281 3.74 -15.83 -3.10
C LEU C 281 2.73 -16.86 -2.59
N ALA C 282 3.03 -18.13 -2.78
CA ALA C 282 2.15 -19.19 -2.29
C ALA C 282 2.23 -19.37 -0.78
N ALA C 283 3.43 -19.21 -0.22
CA ALA C 283 3.67 -19.36 1.22
C ALA C 283 2.62 -18.69 2.15
N PRO C 284 2.52 -17.34 2.15
CA PRO C 284 1.58 -16.73 3.12
C PRO C 284 0.11 -17.05 2.84
N LEU C 285 -0.16 -17.76 1.74
CA LEU C 285 -1.51 -18.13 1.34
C LEU C 285 -1.76 -19.64 1.46
N ALA C 286 -0.78 -20.36 2.02
CA ALA C 286 -0.76 -21.84 2.07
C ALA C 286 -1.90 -22.50 2.84
N LYS C 287 -2.54 -21.74 3.73
CA LYS C 287 -3.64 -22.25 4.55
C LYS C 287 -5.00 -22.31 3.82
N ASN C 288 -5.12 -21.67 2.65
CA ASN C 288 -6.37 -21.68 1.88
C ASN C 288 -6.17 -22.25 0.47
N GLY C 289 -7.29 -22.52 -0.21
CA GLY C 289 -7.26 -23.09 -1.55
C GLY C 289 -6.51 -22.29 -2.61
N TYR C 290 -6.41 -20.98 -2.40
CA TYR C 290 -5.76 -20.12 -3.38
C TYR C 290 -4.22 -20.32 -3.41
N GLY C 291 -3.59 -20.38 -2.24
CA GLY C 291 -2.17 -20.70 -2.12
C GLY C 291 -1.90 -22.14 -2.51
N GLN C 292 -2.79 -23.04 -2.12
CA GLN C 292 -2.66 -24.45 -2.52
C GLN C 292 -2.67 -24.61 -4.04
N TYR C 293 -3.46 -23.76 -4.71
CA TYR C 293 -3.55 -23.76 -6.16
C TYR C 293 -2.26 -23.22 -6.77
N LEU C 294 -1.73 -22.13 -6.21
CA LEU C 294 -0.42 -21.63 -6.65
C LEU C 294 0.68 -22.68 -6.46
N LYS C 295 0.68 -23.38 -5.32
CA LYS C 295 1.65 -24.44 -5.08
C LYS C 295 1.52 -25.55 -6.12
N ARG C 296 0.29 -25.98 -6.40
CA ARG C 296 0.06 -26.97 -7.46
C ARG C 296 0.60 -26.55 -8.85
N LEU C 297 0.56 -25.25 -9.18
CA LEU C 297 1.00 -24.79 -10.50
C LEU C 297 2.48 -25.00 -10.73
N LEU C 298 3.25 -25.13 -9.65
CA LEU C 298 4.69 -25.37 -9.72
C LEU C 298 5.07 -26.77 -10.24
N THR C 299 4.18 -27.75 -10.07
CA THR C 299 4.50 -29.12 -10.47
C THR C 299 3.57 -29.74 -11.54
N GLU C 300 2.36 -29.22 -11.67
CA GLU C 300 1.42 -29.72 -12.68
C GLU C 300 1.65 -29.12 -14.06
N THR C 301 1.60 -29.95 -15.08
CA THR C 301 1.57 -29.45 -16.44
C THR C 301 0.12 -29.16 -16.80
N VAL C 302 -0.12 -27.91 -17.20
CA VAL C 302 -1.44 -27.48 -17.66
C VAL C 302 -1.30 -26.94 -19.07
N TYR C 303 -2.05 -27.54 -19.98
CA TYR C 303 -1.97 -27.16 -21.38
C TYR C 303 -2.83 -25.94 -21.73
N MET D 11 -35.30 -4.76 33.00
CA MET D 11 -34.13 -5.64 32.71
C MET D 11 -33.75 -5.61 31.22
N LYS D 12 -32.89 -4.67 30.85
CA LYS D 12 -32.47 -4.54 29.46
C LYS D 12 -31.53 -5.67 29.01
N ARG D 13 -31.59 -5.97 27.72
CA ARG D 13 -30.67 -6.95 27.14
C ARG D 13 -29.76 -6.25 26.15
N LYS D 14 -28.47 -6.53 26.25
CA LYS D 14 -27.48 -5.86 25.44
C LYS D 14 -27.00 -6.84 24.39
N GLY D 15 -26.64 -6.32 23.22
CA GLY D 15 -26.25 -7.19 22.11
C GLY D 15 -24.82 -7.08 21.71
N ILE D 16 -24.25 -8.21 21.28
CA ILE D 16 -22.88 -8.25 20.81
C ILE D 16 -22.87 -8.93 19.46
N ILE D 17 -22.29 -8.26 18.47
CA ILE D 17 -21.99 -8.91 17.19
C ILE D 17 -20.51 -9.25 17.15
N LEU D 18 -20.23 -10.53 16.93
CA LEU D 18 -18.85 -10.96 16.85
C LEU D 18 -18.47 -11.16 15.39
N ALA D 19 -17.74 -10.18 14.86
CA ALA D 19 -17.26 -10.21 13.50
C ALA D 19 -15.80 -10.64 13.51
N GLY D 20 -15.57 -11.91 13.83
CA GLY D 20 -14.23 -12.44 14.08
C GLY D 20 -13.35 -12.41 12.85
N GLY D 21 -12.05 -12.63 13.07
CA GLY D 21 -11.07 -12.68 11.98
C GLY D 21 -11.15 -13.99 11.26
N SER D 22 -11.16 -13.93 9.92
CA SER D 22 -11.28 -15.13 9.09
C SER D 22 -9.91 -15.56 8.58
N GLY D 23 -8.88 -14.89 9.09
CA GLY D 23 -7.51 -15.14 8.66
C GLY D 23 -7.37 -14.99 7.15
N THR D 24 -6.97 -16.09 6.51
CA THR D 24 -6.66 -16.10 5.08
C THR D 24 -7.67 -16.94 4.30
N ARG D 25 -8.63 -17.55 5.00
CA ARG D 25 -9.55 -18.51 4.40
C ARG D 25 -10.21 -17.97 3.13
N LEU D 26 -10.37 -16.65 3.07
CA LEU D 26 -11.12 -15.99 2.01
C LEU D 26 -10.28 -15.09 1.11
N HIS D 27 -8.95 -15.20 1.21
CA HIS D 27 -8.07 -14.47 0.29
C HIS D 27 -8.28 -14.93 -1.13
N PRO D 28 -8.12 -14.03 -2.11
CA PRO D 28 -7.75 -12.60 -1.95
C PRO D 28 -8.93 -11.64 -1.79
N ALA D 29 -10.17 -12.15 -1.81
CA ALA D 29 -11.35 -11.30 -1.65
C ALA D 29 -11.18 -10.42 -0.41
N THR D 30 -10.68 -11.02 0.67
CA THR D 30 -10.55 -10.30 1.93
C THR D 30 -9.18 -9.66 2.20
N LEU D 31 -8.31 -9.57 1.19
CA LEU D 31 -7.10 -8.75 1.30
C LEU D 31 -7.48 -7.28 1.27
N ALA D 32 -8.46 -6.95 0.44
CA ALA D 32 -9.05 -5.60 0.39
C ALA D 32 -9.86 -5.28 1.65
N ILE D 33 -11.02 -5.94 1.77
CA ILE D 33 -12.02 -5.68 2.80
C ILE D 33 -12.16 -6.80 3.82
N SER D 34 -12.60 -6.44 5.02
CA SER D 34 -13.04 -7.42 6.02
C SER D 34 -14.19 -8.29 5.53
N LYS D 35 -14.23 -9.52 6.03
CA LYS D 35 -15.23 -10.51 5.65
C LYS D 35 -16.67 -10.00 5.83
N GLN D 36 -16.97 -9.38 6.96
CA GLN D 36 -18.33 -9.01 7.27
C GLN D 36 -18.75 -7.69 6.63
N LEU D 37 -17.85 -7.11 5.83
CA LEU D 37 -18.23 -6.01 4.93
C LEU D 37 -18.48 -6.47 3.50
N LEU D 38 -18.23 -7.75 3.21
CA LEU D 38 -18.56 -8.29 1.89
C LEU D 38 -20.08 -8.28 1.69
N PRO D 39 -20.50 -7.98 0.47
CA PRO D 39 -21.96 -7.93 0.33
C PRO D 39 -22.60 -9.32 0.26
N VAL D 40 -23.77 -9.45 0.89
CA VAL D 40 -24.69 -10.57 0.63
C VAL D 40 -25.80 -9.97 -0.22
N TYR D 41 -25.69 -10.21 -1.52
CA TYR D 41 -26.53 -9.59 -2.54
C TYR D 41 -26.36 -8.07 -2.62
N ASP D 42 -27.15 -7.32 -1.86
CA ASP D 42 -27.22 -5.88 -2.04
C ASP D 42 -26.72 -5.10 -0.81
N LYS D 43 -26.60 -5.78 0.33
CA LYS D 43 -26.17 -5.12 1.54
C LYS D 43 -24.95 -5.80 2.16
N PRO D 44 -24.16 -5.05 2.95
CA PRO D 44 -23.03 -5.65 3.66
C PRO D 44 -23.47 -6.74 4.65
N MET D 45 -22.76 -7.86 4.64
CA MET D 45 -23.02 -8.99 5.53
C MET D 45 -23.43 -8.57 6.95
N ILE D 46 -22.69 -7.63 7.54
CA ILE D 46 -22.98 -7.18 8.90
C ILE D 46 -24.41 -6.69 9.12
N TYR D 47 -25.07 -6.18 8.08
CA TYR D 47 -26.46 -5.76 8.22
C TYR D 47 -27.39 -6.88 8.69
N TYR D 48 -27.06 -8.13 8.35
CA TYR D 48 -27.90 -9.28 8.70
C TYR D 48 -27.90 -9.57 10.21
N PRO D 49 -26.72 -9.81 10.80
CA PRO D 49 -26.73 -9.92 12.27
C PRO D 49 -27.19 -8.65 13.00
N LEU D 50 -26.83 -7.48 12.48
CA LEU D 50 -27.31 -6.25 13.07
C LEU D 50 -28.84 -6.29 13.09
N SER D 51 -29.41 -6.57 11.92
CA SER D 51 -30.87 -6.66 11.76
C SER D 51 -31.47 -7.70 12.65
N THR D 52 -30.76 -8.79 12.88
CA THR D 52 -31.25 -9.86 13.74
C THR D 52 -31.40 -9.35 15.17
N LEU D 53 -30.41 -8.62 15.67
CA LEU D 53 -30.46 -8.11 17.02
C LEU D 53 -31.56 -7.04 17.14
N MET D 54 -31.64 -6.17 16.15
CA MET D 54 -32.69 -5.16 16.09
C MET D 54 -34.06 -5.83 16.15
N LEU D 55 -34.20 -6.97 15.49
CA LEU D 55 -35.46 -7.72 15.51
C LEU D 55 -35.77 -8.30 16.88
N ALA D 56 -34.74 -8.60 17.68
CA ALA D 56 -34.92 -9.07 19.06
C ALA D 56 -35.26 -7.95 20.04
N GLY D 57 -35.30 -6.71 19.57
CA GLY D 57 -35.61 -5.56 20.43
C GLY D 57 -34.39 -4.95 21.09
N ILE D 58 -33.21 -5.25 20.55
CA ILE D 58 -31.95 -4.82 21.14
C ILE D 58 -31.35 -3.63 20.40
N ARG D 59 -31.23 -2.50 21.09
CA ARG D 59 -30.70 -1.26 20.48
C ARG D 59 -29.23 -1.03 20.87
N GLU D 60 -28.80 -1.62 22.00
CA GLU D 60 -27.46 -1.38 22.57
C GLU D 60 -26.55 -2.53 22.20
N ILE D 61 -25.61 -2.25 21.30
CA ILE D 61 -24.88 -3.30 20.60
C ILE D 61 -23.39 -3.02 20.53
N LEU D 62 -22.62 -4.01 20.98
CA LEU D 62 -21.17 -4.00 20.86
C LEU D 62 -20.74 -4.83 19.65
N ILE D 63 -19.98 -4.18 18.77
CA ILE D 63 -19.39 -4.83 17.59
C ILE D 63 -17.92 -5.11 17.88
N ILE D 64 -17.55 -6.38 17.88
CA ILE D 64 -16.18 -6.80 18.09
C ILE D 64 -15.57 -7.41 16.82
N SER D 65 -14.48 -6.84 16.34
CA SER D 65 -13.65 -7.54 15.35
C SER D 65 -12.15 -7.30 15.59
N THR D 66 -11.36 -7.56 14.55
CA THR D 66 -9.90 -7.47 14.56
C THR D 66 -9.47 -6.01 14.75
N PRO D 67 -8.19 -5.79 15.09
CA PRO D 67 -7.71 -4.41 15.11
C PRO D 67 -7.80 -3.70 13.74
N GLN D 68 -7.61 -4.46 12.66
CA GLN D 68 -7.73 -3.89 11.32
C GLN D 68 -9.18 -3.61 10.92
N ASP D 69 -10.12 -4.48 11.35
CA ASP D 69 -11.50 -4.39 10.85
C ASP D 69 -12.43 -3.50 11.65
N THR D 70 -12.26 -3.44 12.97
CA THR D 70 -13.10 -2.60 13.81
C THR D 70 -13.27 -1.15 13.35
N PRO D 71 -12.16 -0.45 13.05
CA PRO D 71 -12.30 0.93 12.58
C PRO D 71 -13.12 1.05 11.30
N ARG D 72 -13.09 0.00 10.48
CA ARG D 72 -13.85 0.01 9.25
C ARG D 72 -15.33 -0.16 9.53
N PHE D 73 -15.69 -1.00 10.50
CA PHE D 73 -17.09 -1.05 10.97
C PHE D 73 -17.55 0.29 11.57
N GLN D 74 -16.70 0.87 12.40
CA GLN D 74 -16.92 2.19 12.99
C GLN D 74 -17.10 3.25 11.89
N GLN D 75 -16.26 3.20 10.87
CA GLN D 75 -16.36 4.12 9.75
C GLN D 75 -17.67 3.95 8.98
N LEU D 76 -18.19 2.73 8.94
CA LEU D 76 -19.43 2.45 8.22
C LEU D 76 -20.66 2.93 9.00
N LEU D 77 -20.79 2.44 10.23
CA LEU D 77 -22.05 2.51 10.97
C LEU D 77 -22.09 3.61 12.05
N GLY D 78 -20.93 4.11 12.43
CA GLY D 78 -20.83 5.17 13.43
C GLY D 78 -21.40 4.74 14.77
N ASP D 79 -21.96 5.68 15.51
CA ASP D 79 -22.55 5.36 16.81
C ASP D 79 -23.99 4.78 16.70
N GLY D 80 -24.51 4.70 15.48
CA GLY D 80 -25.82 4.12 15.22
C GLY D 80 -27.01 5.05 15.50
N SER D 81 -26.71 6.28 15.91
CA SER D 81 -27.75 7.26 16.23
C SER D 81 -28.72 7.47 15.08
N ASN D 82 -28.23 7.41 13.85
CA ASN D 82 -29.09 7.63 12.68
C ASN D 82 -30.19 6.58 12.54
N TRP D 83 -30.00 5.41 13.17
CA TRP D 83 -31.02 4.36 13.15
C TRP D 83 -31.63 4.17 14.50
N GLY D 84 -31.43 5.13 15.40
CA GLY D 84 -31.89 4.99 16.77
C GLY D 84 -31.20 3.87 17.53
N LEU D 85 -29.94 3.60 17.22
CA LEU D 85 -29.18 2.59 17.96
C LEU D 85 -28.12 3.25 18.81
N ASP D 86 -27.56 2.47 19.72
CA ASP D 86 -26.41 2.87 20.52
C ASP D 86 -25.31 1.83 20.29
N LEU D 87 -24.47 2.11 19.30
CA LEU D 87 -23.41 1.18 18.91
C LEU D 87 -22.07 1.55 19.56
N GLN D 88 -21.39 0.54 20.10
CA GLN D 88 -20.03 0.69 20.59
C GLN D 88 -19.14 -0.36 19.93
N TYR D 89 -17.83 -0.17 20.03
CA TYR D 89 -16.84 -0.99 19.33
C TYR D 89 -15.72 -1.48 20.28
N ALA D 90 -15.27 -2.71 20.06
CA ALA D 90 -14.12 -3.26 20.79
C ALA D 90 -13.39 -4.23 19.87
N VAL D 91 -12.10 -4.42 20.11
CA VAL D 91 -11.28 -5.23 19.25
C VAL D 91 -10.98 -6.59 19.89
N GLN D 92 -10.91 -7.64 19.07
CA GLN D 92 -10.35 -8.93 19.47
C GLN D 92 -8.95 -9.11 18.88
N PRO D 93 -7.89 -8.96 19.73
CA PRO D 93 -6.50 -8.95 19.24
C PRO D 93 -6.14 -10.20 18.47
N SER D 94 -6.57 -11.35 18.97
CA SER D 94 -6.26 -12.63 18.34
C SER D 94 -7.53 -13.48 18.26
N PRO D 95 -7.73 -14.20 17.14
CA PRO D 95 -8.90 -15.08 17.02
C PRO D 95 -8.82 -16.28 17.97
N ASP D 96 -9.03 -16.04 19.25
CA ASP D 96 -8.74 -17.01 20.33
C ASP D 96 -9.98 -17.72 20.90
N GLY D 97 -11.08 -17.72 20.15
CA GLY D 97 -12.30 -18.35 20.63
C GLY D 97 -13.42 -17.34 20.78
N LEU D 98 -14.62 -17.76 20.37
CA LEU D 98 -15.81 -16.92 20.38
C LEU D 98 -16.25 -16.48 21.80
N ALA D 99 -15.93 -17.31 22.80
CA ALA D 99 -16.28 -17.04 24.21
C ALA D 99 -15.52 -15.84 24.76
N GLN D 100 -14.45 -15.45 24.09
CA GLN D 100 -13.65 -14.29 24.49
C GLN D 100 -14.44 -12.98 24.40
N ALA D 101 -15.53 -13.00 23.65
CA ALA D 101 -16.38 -11.81 23.49
C ALA D 101 -16.92 -11.33 24.83
N PHE D 102 -17.10 -12.24 25.78
CA PHE D 102 -17.63 -11.91 27.11
C PHE D 102 -16.58 -11.30 28.02
N LEU D 103 -15.32 -11.63 27.76
CA LEU D 103 -14.21 -10.99 28.44
C LEU D 103 -14.01 -9.58 27.90
N ILE D 104 -13.88 -9.48 26.58
CA ILE D 104 -13.72 -8.20 25.88
C ILE D 104 -14.91 -7.30 26.22
N GLY D 105 -16.09 -7.91 26.31
CA GLY D 105 -17.35 -7.19 26.43
C GLY D 105 -17.88 -7.15 27.84
N GLU D 106 -17.02 -7.44 28.81
CA GLU D 106 -17.41 -7.46 30.22
C GLU D 106 -17.94 -6.11 30.72
N SER D 107 -17.19 -5.05 30.49
CA SER D 107 -17.62 -3.74 30.99
C SER D 107 -18.87 -3.28 30.24
N PHE D 108 -18.96 -3.62 28.96
CA PHE D 108 -20.15 -3.35 28.15
C PHE D 108 -21.40 -4.01 28.73
N ILE D 109 -21.28 -5.30 29.05
CA ILE D 109 -22.38 -6.08 29.62
C ILE D 109 -22.83 -5.53 31.00
N GLY D 110 -21.87 -5.07 31.81
CA GLY D 110 -22.15 -4.68 33.19
C GLY D 110 -22.91 -5.78 33.89
N ASN D 111 -24.06 -5.42 34.44
CA ASN D 111 -24.90 -6.35 35.20
C ASN D 111 -26.19 -6.71 34.43
N ASP D 112 -26.24 -6.35 33.15
CA ASP D 112 -27.42 -6.58 32.30
C ASP D 112 -27.39 -7.94 31.62
N LEU D 113 -28.53 -8.34 31.08
CA LEU D 113 -28.63 -9.54 30.25
C LEU D 113 -27.96 -9.30 28.90
N SER D 114 -27.58 -10.36 28.21
CA SER D 114 -27.01 -10.17 26.89
C SER D 114 -27.53 -11.11 25.79
N ALA D 115 -27.08 -10.84 24.57
CA ALA D 115 -27.31 -11.71 23.43
C ALA D 115 -26.09 -11.59 22.52
N LEU D 116 -25.59 -12.74 22.09
CA LEU D 116 -24.50 -12.75 21.14
C LEU D 116 -24.91 -13.36 19.81
N VAL D 117 -24.48 -12.68 18.74
CA VAL D 117 -24.72 -13.14 17.38
C VAL D 117 -23.40 -13.12 16.57
N LEU D 118 -23.20 -14.14 15.74
CA LEU D 118 -22.01 -14.22 14.93
C LEU D 118 -22.19 -13.40 13.67
N GLY D 119 -21.11 -12.72 13.26
CA GLY D 119 -21.13 -11.79 12.12
C GLY D 119 -21.51 -12.38 10.76
N ASP D 120 -21.36 -13.68 10.58
CA ASP D 120 -21.58 -14.29 9.27
C ASP D 120 -22.77 -15.27 9.18
N ASN D 121 -23.72 -15.15 10.11
CA ASN D 121 -24.95 -15.95 10.10
C ASN D 121 -26.14 -15.15 9.59
N LEU D 122 -26.88 -15.73 8.64
CA LEU D 122 -28.13 -15.18 8.11
C LEU D 122 -29.32 -15.98 8.62
N TYR D 123 -30.40 -15.27 8.91
CA TYR D 123 -31.67 -15.88 9.32
C TYR D 123 -32.83 -15.34 8.49
N TYR D 124 -33.77 -16.23 8.18
CA TYR D 124 -34.99 -15.83 7.52
C TYR D 124 -36.14 -16.71 7.93
N GLY D 125 -37.31 -16.11 8.19
CA GLY D 125 -38.52 -16.89 8.31
C GLY D 125 -39.72 -16.21 8.94
N HIS D 126 -40.86 -16.91 8.90
CA HIS D 126 -42.10 -16.39 9.44
C HIS D 126 -42.10 -16.32 10.94
N ASP D 127 -42.55 -15.19 11.48
CA ASP D 127 -42.59 -15.00 12.93
C ASP D 127 -41.21 -15.14 13.60
N PHE D 128 -40.17 -14.65 12.92
CA PHE D 128 -38.82 -14.76 13.47
C PHE D 128 -38.75 -13.84 14.67
N HIS D 129 -39.45 -12.71 14.55
CA HIS D 129 -39.67 -11.74 15.62
C HIS D 129 -40.15 -12.42 16.89
N GLU D 130 -41.22 -13.21 16.78
CA GLU D 130 -41.79 -13.90 17.95
C GLU D 130 -40.84 -14.92 18.56
N LEU D 131 -40.08 -15.64 17.72
CA LEU D 131 -39.11 -16.61 18.20
C LEU D 131 -37.97 -15.96 18.99
N LEU D 132 -37.54 -14.77 18.56
CA LEU D 132 -36.51 -14.01 19.24
C LEU D 132 -37.04 -13.40 20.53
N GLY D 133 -38.19 -12.73 20.45
CA GLY D 133 -38.85 -12.13 21.61
C GLY D 133 -39.08 -13.16 22.71
N SER D 134 -39.31 -14.40 22.31
CA SER D 134 -39.52 -15.52 23.22
C SER D 134 -38.23 -15.89 23.98
N ALA D 135 -37.11 -15.96 23.27
CA ALA D 135 -35.83 -16.17 23.97
C ALA D 135 -35.47 -14.96 24.85
N SER D 136 -35.75 -13.77 24.33
CA SER D 136 -35.34 -12.51 24.95
C SER D 136 -36.09 -12.27 26.26
N GLN D 137 -37.33 -12.71 26.30
CA GLN D 137 -38.22 -12.62 27.46
C GLN D 137 -37.70 -13.44 28.65
N ARG D 138 -37.14 -14.62 28.41
CA ARG D 138 -36.62 -15.48 29.50
C ARG D 138 -35.42 -14.84 30.16
N GLN D 139 -35.61 -14.41 31.41
CA GLN D 139 -34.64 -13.58 32.09
C GLN D 139 -33.59 -14.33 32.91
N THR D 140 -33.75 -15.65 33.04
CA THR D 140 -32.77 -16.50 33.73
C THR D 140 -32.26 -17.56 32.78
N GLY D 141 -31.06 -18.06 33.04
CA GLY D 141 -30.45 -19.09 32.20
C GLY D 141 -30.01 -18.60 30.84
N ALA D 142 -29.72 -19.55 29.95
CA ALA D 142 -29.30 -19.28 28.58
C ALA D 142 -30.31 -19.80 27.58
N SER D 143 -30.39 -19.15 26.43
CA SER D 143 -31.25 -19.65 25.34
C SER D 143 -30.54 -19.76 24.03
N VAL D 144 -30.58 -20.96 23.45
CA VAL D 144 -30.05 -21.21 22.11
C VAL D 144 -31.08 -21.92 21.19
N PHE D 145 -30.74 -22.02 19.90
CA PHE D 145 -31.60 -22.69 18.93
C PHE D 145 -30.87 -23.83 18.23
N ALA D 146 -31.60 -24.92 18.01
CA ALA D 146 -31.09 -26.09 17.29
C ALA D 146 -31.79 -26.18 15.94
N TYR D 147 -31.02 -26.46 14.90
CA TYR D 147 -31.47 -26.48 13.52
C TYR D 147 -30.90 -27.72 12.89
N HIS D 148 -31.77 -28.50 12.27
CA HIS D 148 -31.35 -29.66 11.52
C HIS D 148 -30.49 -29.26 10.33
N VAL D 149 -29.30 -29.85 10.24
CA VAL D 149 -28.39 -29.60 9.12
C VAL D 149 -27.89 -30.90 8.51
N LEU D 150 -27.29 -30.81 7.32
CA LEU D 150 -26.70 -31.99 6.67
C LEU D 150 -25.31 -32.35 7.20
N ASP D 151 -24.56 -31.34 7.64
CA ASP D 151 -23.16 -31.54 8.06
C ASP D 151 -22.91 -31.18 9.53
N PRO D 152 -23.55 -31.91 10.46
CA PRO D 152 -23.46 -31.49 11.86
C PRO D 152 -22.03 -31.37 12.41
N GLU D 153 -21.09 -32.13 11.84
CA GLU D 153 -19.67 -32.05 12.25
C GLU D 153 -19.08 -30.63 12.28
N ARG D 154 -19.61 -29.73 11.47
CA ARG D 154 -19.03 -28.39 11.35
C ARG D 154 -19.40 -27.46 12.51
N TYR D 155 -20.32 -27.90 13.37
CA TYR D 155 -20.87 -27.05 14.42
C TYR D 155 -20.89 -27.70 15.80
N GLY D 156 -21.38 -26.96 16.78
CA GLY D 156 -21.79 -27.53 18.07
C GLY D 156 -23.09 -28.30 17.90
N VAL D 157 -23.08 -29.57 18.35
CA VAL D 157 -24.17 -30.51 18.14
C VAL D 157 -24.89 -30.78 19.46
N VAL D 158 -26.21 -30.69 19.43
CA VAL D 158 -27.03 -30.96 20.60
C VAL D 158 -27.73 -32.30 20.47
N GLU D 159 -27.58 -33.13 21.50
CA GLU D 159 -28.21 -34.44 21.59
C GLU D 159 -29.44 -34.34 22.49
N PHE D 160 -30.52 -34.94 22.04
CA PHE D 160 -31.78 -34.97 22.77
C PHE D 160 -32.12 -36.40 23.20
N ASP D 161 -32.79 -36.54 24.34
CA ASP D 161 -33.33 -37.83 24.80
C ASP D 161 -34.68 -38.12 24.13
N GLN D 162 -35.16 -39.36 24.26
CA GLN D 162 -36.42 -39.78 23.66
C GLN D 162 -37.59 -38.83 23.93
N GLY D 163 -37.50 -38.07 25.03
CA GLY D 163 -38.54 -37.12 25.39
C GLY D 163 -38.25 -35.70 24.95
N GLY D 164 -37.23 -35.52 24.11
CA GLY D 164 -36.86 -34.21 23.59
C GLY D 164 -36.05 -33.24 24.45
N LYS D 165 -35.44 -33.70 25.55
CA LYS D 165 -34.58 -32.82 26.36
C LYS D 165 -33.10 -32.90 25.98
N ALA D 166 -32.46 -31.73 25.92
CA ALA D 166 -31.04 -31.64 25.62
C ALA D 166 -30.21 -32.32 26.71
N ILE D 167 -29.43 -33.32 26.31
CA ILE D 167 -28.60 -34.10 27.25
C ILE D 167 -27.07 -34.00 27.01
N SER D 168 -26.66 -33.62 25.80
CA SER D 168 -25.22 -33.35 25.54
C SER D 168 -24.95 -32.31 24.45
N LEU D 169 -23.73 -31.79 24.49
CA LEU D 169 -23.24 -30.80 23.53
C LEU D 169 -21.77 -31.06 23.21
N GLU D 170 -21.45 -31.13 21.93
CA GLU D 170 -20.08 -31.36 21.51
C GLU D 170 -19.72 -30.41 20.37
N GLU D 171 -18.53 -29.83 20.44
CA GLU D 171 -18.03 -28.95 19.42
C GLU D 171 -17.34 -29.77 18.33
N LYS D 172 -17.86 -29.70 17.12
CA LYS D 172 -17.27 -30.35 15.95
C LYS D 172 -16.88 -31.79 16.23
N PRO D 173 -17.85 -32.63 16.65
CA PRO D 173 -17.54 -34.01 16.97
C PRO D 173 -17.21 -34.80 15.71
N LEU D 174 -16.21 -35.67 15.77
CA LEU D 174 -15.93 -36.54 14.63
C LEU D 174 -17.06 -37.59 14.48
N GLU D 175 -17.71 -37.89 15.60
CA GLU D 175 -18.90 -38.76 15.61
C GLU D 175 -20.15 -38.04 16.16
N PRO D 176 -20.78 -37.17 15.36
CA PRO D 176 -21.95 -36.41 15.86
C PRO D 176 -23.13 -37.29 16.26
N LYS D 177 -23.81 -36.90 17.35
CA LYS D 177 -24.87 -37.70 17.95
C LYS D 177 -26.29 -37.43 17.40
N SER D 178 -26.47 -36.25 16.78
CA SER D 178 -27.70 -35.88 16.07
C SER D 178 -27.29 -35.02 14.89
N ASN D 179 -28.27 -34.67 14.06
CA ASN D 179 -28.06 -33.72 12.97
C ASN D 179 -28.54 -32.32 13.35
N TYR D 180 -28.64 -32.06 14.66
CA TYR D 180 -29.07 -30.76 15.19
C TYR D 180 -27.93 -29.86 15.62
N ALA D 181 -27.62 -28.86 14.80
CA ALA D 181 -26.57 -27.87 15.10
C ALA D 181 -27.14 -26.71 15.89
N VAL D 182 -26.31 -26.11 16.76
CA VAL D 182 -26.62 -24.90 17.51
C VAL D 182 -26.24 -23.71 16.65
N THR D 183 -27.20 -22.85 16.35
CA THR D 183 -26.98 -21.67 15.48
C THR D 183 -26.15 -20.60 16.19
N GLY D 184 -25.68 -19.61 15.45
CA GLY D 184 -24.87 -18.54 16.06
C GLY D 184 -25.66 -17.38 16.64
N LEU D 185 -26.62 -17.73 17.49
CA LEU D 185 -27.45 -16.75 18.19
C LEU D 185 -27.65 -17.30 19.59
N TYR D 186 -27.21 -16.54 20.58
CA TYR D 186 -27.18 -16.99 21.96
C TYR D 186 -27.69 -15.91 22.90
N PHE D 187 -28.59 -16.30 23.80
CA PHE D 187 -29.11 -15.42 24.82
C PHE D 187 -28.60 -15.84 26.18
N TYR D 188 -28.24 -14.87 27.01
CA TYR D 188 -27.55 -15.16 28.26
C TYR D 188 -28.03 -14.27 29.38
N ASP D 189 -27.98 -14.80 30.60
CA ASP D 189 -28.25 -14.01 31.81
C ASP D 189 -26.97 -13.41 32.39
N GLN D 190 -27.06 -12.96 33.64
CA GLN D 190 -25.93 -12.32 34.33
C GLN D 190 -24.77 -13.26 34.64
N GLN D 191 -24.97 -14.56 34.48
CA GLN D 191 -23.92 -15.53 34.79
C GLN D 191 -22.82 -15.67 33.74
N VAL D 192 -23.04 -15.14 32.53
CA VAL D 192 -22.14 -15.48 31.42
C VAL D 192 -20.71 -14.94 31.57
N VAL D 193 -20.55 -13.71 32.04
CA VAL D 193 -19.20 -13.17 32.24
C VAL D 193 -18.33 -14.01 33.20
N ASP D 194 -18.87 -14.39 34.35
CA ASP D 194 -18.16 -15.28 35.28
C ASP D 194 -17.87 -16.68 34.73
N ILE D 195 -18.82 -17.25 34.01
CA ILE D 195 -18.60 -18.56 33.41
C ILE D 195 -17.42 -18.46 32.42
N ALA D 196 -17.35 -17.32 31.72
CA ALA D 196 -16.29 -17.08 30.73
C ALA D 196 -14.91 -16.89 31.36
N ARG D 197 -14.81 -16.13 32.45
CA ARG D 197 -13.50 -15.98 33.12
C ARG D 197 -12.99 -17.30 33.73
N ASP D 198 -13.92 -18.15 34.16
CA ASP D 198 -13.61 -19.46 34.74
C ASP D 198 -13.21 -20.50 33.70
N LEU D 199 -13.25 -20.14 32.42
CA LEU D 199 -12.98 -21.08 31.34
C LEU D 199 -11.50 -21.32 31.10
N LYS D 200 -11.16 -22.60 30.93
CA LYS D 200 -9.81 -23.02 30.52
C LYS D 200 -9.83 -23.40 29.03
N PRO D 201 -8.86 -22.89 28.23
CA PRO D 201 -8.88 -23.08 26.77
C PRO D 201 -8.86 -24.54 26.32
N SER D 202 -9.54 -24.83 25.21
CA SER D 202 -9.63 -26.20 24.67
C SER D 202 -8.31 -26.68 24.05
N PRO D 203 -8.22 -27.97 23.65
CA PRO D 203 -7.05 -28.47 22.91
C PRO D 203 -6.68 -27.69 21.64
N ARG D 204 -7.68 -27.05 21.00
CA ARG D 204 -7.44 -26.16 19.85
C ARG D 204 -6.79 -24.82 20.24
N GLY D 205 -6.85 -24.49 21.53
CA GLY D 205 -6.32 -23.23 22.06
C GLY D 205 -7.36 -22.12 22.07
N GLU D 206 -8.63 -22.52 21.97
CA GLU D 206 -9.73 -21.58 21.84
C GLU D 206 -10.66 -21.61 23.06
N LEU D 207 -11.19 -20.44 23.42
CA LEU D 207 -12.26 -20.35 24.42
C LEU D 207 -13.59 -20.61 23.71
N GLU D 208 -14.12 -21.81 23.91
CA GLU D 208 -15.25 -22.30 23.14
C GLU D 208 -16.58 -21.77 23.67
N ILE D 209 -17.43 -21.27 22.78
CA ILE D 209 -18.81 -20.91 23.14
C ILE D 209 -19.61 -22.15 23.59
N THR D 210 -19.34 -23.31 22.99
CA THR D 210 -19.99 -24.58 23.39
C THR D 210 -19.69 -24.99 24.85
N ASP D 211 -18.55 -24.53 25.37
CA ASP D 211 -18.19 -24.78 26.77
C ASP D 211 -19.04 -23.93 27.68
N VAL D 212 -19.26 -22.66 27.29
CA VAL D 212 -20.19 -21.76 27.98
C VAL D 212 -21.58 -22.37 27.97
N ASN D 213 -22.01 -22.83 26.79
CA ASN D 213 -23.32 -23.45 26.64
C ASN D 213 -23.44 -24.74 27.47
N ARG D 214 -22.39 -25.57 27.50
CA ARG D 214 -22.38 -26.76 28.36
C ARG D 214 -22.44 -26.40 29.86
N ALA D 215 -21.76 -25.32 30.25
CA ALA D 215 -21.81 -24.87 31.65
C ALA D 215 -23.24 -24.62 32.13
N TYR D 216 -24.05 -23.94 31.31
CA TYR D 216 -25.47 -23.72 31.59
C TYR D 216 -26.27 -25.03 31.57
N LEU D 217 -25.93 -25.93 30.66
CA LEU D 217 -26.58 -27.23 30.55
C LEU D 217 -26.37 -28.12 31.79
N GLU D 218 -25.12 -28.21 32.23
CA GLU D 218 -24.76 -28.96 33.44
C GLU D 218 -25.40 -28.37 34.70
N ARG D 219 -25.82 -27.11 34.61
CA ARG D 219 -26.58 -26.42 35.67
C ARG D 219 -28.11 -26.57 35.50
N GLY D 220 -28.55 -27.21 34.42
CA GLY D 220 -29.99 -27.33 34.09
C GLY D 220 -30.63 -26.00 33.72
N GLN D 221 -29.83 -25.09 33.20
CA GLN D 221 -30.32 -23.75 32.88
C GLN D 221 -30.19 -23.36 31.41
N LEU D 222 -29.90 -24.33 30.54
CA LEU D 222 -29.90 -24.09 29.10
C LEU D 222 -31.26 -24.49 28.52
N SER D 223 -31.89 -23.53 27.85
CA SER D 223 -33.05 -23.83 27.02
C SER D 223 -32.56 -24.03 25.57
N VAL D 224 -32.87 -25.18 25.00
CA VAL D 224 -32.55 -25.44 23.62
C VAL D 224 -33.86 -25.47 22.86
N GLU D 225 -34.16 -24.37 22.16
CA GLU D 225 -35.39 -24.31 21.36
C GLU D 225 -35.13 -24.78 19.94
N ILE D 226 -36.09 -25.48 19.35
CA ILE D 226 -35.94 -25.89 17.96
C ILE D 226 -36.26 -24.73 17.01
N MET D 227 -35.32 -24.46 16.09
CA MET D 227 -35.60 -23.58 14.97
C MET D 227 -36.04 -24.45 13.81
N GLY D 228 -37.32 -24.34 13.46
CA GLY D 228 -37.96 -25.24 12.48
C GLY D 228 -37.36 -25.24 11.08
N ARG D 229 -37.60 -26.31 10.33
CA ARG D 229 -37.18 -26.41 8.93
C ARG D 229 -37.84 -25.33 8.01
N GLY D 230 -38.85 -24.63 8.52
CA GLY D 230 -39.46 -23.52 7.78
C GLY D 230 -38.66 -22.25 7.90
N TYR D 231 -37.61 -22.27 8.71
CA TYR D 231 -36.66 -21.18 8.78
C TYR D 231 -35.48 -21.53 7.92
N ALA D 232 -34.91 -20.49 7.31
CA ALA D 232 -33.65 -20.54 6.64
C ALA D 232 -32.60 -20.01 7.61
N TRP D 233 -31.60 -20.84 7.92
CA TRP D 233 -30.42 -20.40 8.61
C TRP D 233 -29.24 -20.71 7.73
N LEU D 234 -28.50 -19.68 7.34
CA LEU D 234 -27.35 -19.84 6.47
C LEU D 234 -26.11 -19.20 7.10
N ASP D 235 -24.95 -19.76 6.83
CA ASP D 235 -23.72 -19.03 7.14
C ASP D 235 -22.96 -18.69 5.88
N THR D 236 -22.27 -17.56 5.94
CA THR D 236 -21.72 -16.92 4.77
C THR D 236 -20.22 -16.85 4.91
N GLY D 237 -19.60 -17.97 5.30
CA GLY D 237 -18.18 -18.00 5.63
C GLY D 237 -17.22 -18.60 4.60
N THR D 238 -17.77 -19.13 3.50
CA THR D 238 -17.00 -19.57 2.34
C THR D 238 -17.45 -18.84 1.08
N HIS D 239 -16.62 -18.85 0.03
CA HIS D 239 -16.96 -18.21 -1.22
C HIS D 239 -18.21 -18.81 -1.77
N ASP D 240 -18.31 -20.13 -1.73
CA ASP D 240 -19.53 -20.83 -2.18
C ASP D 240 -20.80 -20.49 -1.40
N SER D 241 -20.75 -20.49 -0.07
CA SER D 241 -21.98 -20.24 0.71
C SER D 241 -22.44 -18.76 0.68
N LEU D 242 -21.49 -17.84 0.56
CA LEU D 242 -21.78 -16.43 0.32
C LEU D 242 -22.56 -16.21 -0.99
N LEU D 243 -22.12 -16.86 -2.05
CA LEU D 243 -22.84 -16.90 -3.31
C LEU D 243 -24.26 -17.47 -3.11
N GLU D 244 -24.36 -18.59 -2.41
CA GLU D 244 -25.65 -19.23 -2.12
C GLU D 244 -26.58 -18.27 -1.39
N ALA D 245 -26.08 -17.65 -0.32
CA ALA D 245 -26.87 -16.74 0.47
C ALA D 245 -27.32 -15.53 -0.34
N GLY D 246 -26.41 -14.97 -1.14
CA GLY D 246 -26.75 -13.88 -2.10
C GLY D 246 -27.90 -14.23 -3.05
N GLN D 247 -27.79 -15.38 -3.72
CA GLN D 247 -28.83 -15.88 -4.63
CA GLN D 247 -28.84 -15.86 -4.65
C GLN D 247 -30.17 -16.05 -3.92
N PHE D 248 -30.10 -16.55 -2.70
CA PHE D 248 -31.25 -16.81 -1.86
C PHE D 248 -32.00 -15.52 -1.46
N ILE D 249 -31.27 -14.57 -0.89
CA ILE D 249 -31.81 -13.25 -0.59
C ILE D 249 -32.36 -12.54 -1.85
N ALA D 250 -31.60 -12.58 -2.95
CA ALA D 250 -32.03 -11.95 -4.19
C ALA D 250 -33.38 -12.52 -4.72
N THR D 251 -33.50 -13.84 -4.70
CA THR D 251 -34.73 -14.52 -5.09
C THR D 251 -35.94 -14.07 -4.26
N LEU D 252 -35.75 -13.90 -2.94
CA LEU D 252 -36.81 -13.44 -2.07
C LEU D 252 -37.20 -11.97 -2.31
N GLU D 253 -36.20 -11.10 -2.32
CA GLU D 253 -36.37 -9.66 -2.57
C GLU D 253 -36.95 -9.32 -3.95
N ASN D 254 -36.46 -9.95 -5.03
CA ASN D 254 -37.03 -9.67 -6.38
C ASN D 254 -38.47 -10.11 -6.52
N ARG D 255 -38.82 -11.16 -5.78
CA ARG D 255 -40.15 -11.71 -5.74
C ARG D 255 -41.12 -10.80 -5.02
N GLN D 256 -40.77 -10.39 -3.80
CA GLN D 256 -41.69 -9.68 -2.91
C GLN D 256 -41.70 -8.17 -3.13
N GLY D 257 -40.62 -7.63 -3.71
CA GLY D 257 -40.35 -6.20 -3.68
C GLY D 257 -40.18 -5.68 -2.26
N LEU D 258 -39.79 -6.56 -1.34
CA LEU D 258 -39.45 -6.16 0.04
C LEU D 258 -38.03 -6.63 0.31
N LYS D 259 -37.38 -6.01 1.28
CA LYS D 259 -36.03 -6.36 1.59
C LYS D 259 -35.95 -7.23 2.85
N VAL D 260 -34.92 -8.07 2.91
CA VAL D 260 -34.60 -8.84 4.10
C VAL D 260 -33.45 -8.13 4.81
N ALA D 261 -33.61 -7.89 6.10
CA ALA D 261 -32.56 -7.26 6.91
C ALA D 261 -32.16 -5.87 6.42
N CYS D 262 -33.15 -4.99 6.24
CA CYS D 262 -32.89 -3.58 5.99
C CYS D 262 -32.98 -2.90 7.35
N PRO D 263 -31.83 -2.47 7.91
CA PRO D 263 -31.78 -1.90 9.25
C PRO D 263 -32.68 -0.68 9.44
N GLU D 264 -32.75 0.17 8.43
CA GLU D 264 -33.55 1.39 8.49
C GLU D 264 -35.03 1.02 8.61
N GLU D 265 -35.49 0.13 7.74
CA GLU D 265 -36.84 -0.41 7.85
C GLU D 265 -37.08 -0.95 9.25
N ILE D 266 -36.18 -1.79 9.75
CA ILE D 266 -36.44 -2.45 11.02
C ILE D 266 -36.55 -1.44 12.16
N ALA D 267 -35.65 -0.46 12.16
CA ALA D 267 -35.66 0.64 13.10
C ALA D 267 -36.99 1.38 13.09
N TYR D 268 -37.44 1.74 11.89
CA TYR D 268 -38.68 2.47 11.68
C TYR D 268 -39.89 1.67 12.16
N ARG D 269 -39.90 0.37 11.87
CA ARG D 269 -41.00 -0.47 12.29
C ARG D 269 -40.96 -0.72 13.79
N GLN D 270 -39.77 -0.71 14.37
CA GLN D 270 -39.64 -0.81 15.83
C GLN D 270 -39.92 0.53 16.56
N LYS D 271 -40.19 1.59 15.79
CA LYS D 271 -40.49 2.96 16.29
C LYS D 271 -39.27 3.64 16.91
N TRP D 272 -38.07 3.23 16.48
CA TRP D 272 -36.82 3.83 16.95
C TRP D 272 -36.47 5.07 16.19
N ILE D 273 -36.97 5.16 14.97
CA ILE D 273 -36.89 6.39 14.20
C ILE D 273 -38.29 6.68 13.68
N ASP D 274 -38.54 7.93 13.33
CA ASP D 274 -39.86 8.33 12.88
C ASP D 274 -39.85 8.56 11.38
N ALA D 275 -41.03 8.84 10.83
CA ALA D 275 -41.21 9.17 9.43
C ALA D 275 -40.24 10.25 8.94
N ALA D 276 -40.06 11.31 9.72
CA ALA D 276 -39.13 12.38 9.34
C ALA D 276 -37.67 11.88 9.18
N GLN D 277 -37.18 11.17 10.20
CA GLN D 277 -35.83 10.62 10.17
C GLN D 277 -35.64 9.59 9.06
N LEU D 278 -36.62 8.69 8.90
CA LEU D 278 -36.57 7.72 7.82
C LEU D 278 -36.47 8.41 6.46
N GLU D 279 -37.22 9.49 6.29
CA GLU D 279 -37.16 10.28 5.07
C GLU D 279 -35.78 10.89 4.85
N LYS D 280 -35.16 11.35 5.94
CA LYS D 280 -33.82 11.92 5.89
C LYS D 280 -32.79 10.91 5.41
N LEU D 281 -32.88 9.70 5.96
CA LEU D 281 -32.00 8.59 5.59
C LEU D 281 -32.15 8.18 4.14
N ALA D 282 -33.37 8.30 3.61
CA ALA D 282 -33.65 7.92 2.24
C ALA D 282 -32.98 8.83 1.23
N ALA D 283 -32.89 10.12 1.55
CA ALA D 283 -32.47 11.16 0.58
C ALA D 283 -31.09 11.01 -0.09
N PRO D 284 -30.00 10.77 0.67
CA PRO D 284 -28.75 10.59 -0.08
C PRO D 284 -28.74 9.35 -0.97
N LEU D 285 -29.66 8.42 -0.71
CA LEU D 285 -29.75 7.16 -1.45
C LEU D 285 -30.81 7.19 -2.55
N ALA D 286 -31.35 8.38 -2.82
CA ALA D 286 -32.51 8.59 -3.70
C ALA D 286 -32.32 8.14 -5.15
N LYS D 287 -31.07 8.04 -5.58
CA LYS D 287 -30.79 7.67 -6.98
C LYS D 287 -30.61 6.17 -7.22
N ASN D 288 -30.79 5.37 -6.17
CA ASN D 288 -30.78 3.92 -6.33
C ASN D 288 -32.01 3.25 -5.72
N GLY D 289 -32.19 1.97 -6.06
CA GLY D 289 -33.32 1.19 -5.57
C GLY D 289 -33.51 1.13 -4.06
N TYR D 290 -32.41 1.23 -3.30
CA TYR D 290 -32.46 1.15 -1.83
C TYR D 290 -33.16 2.38 -1.22
N GLY D 291 -32.73 3.58 -1.61
CA GLY D 291 -33.40 4.82 -1.26
C GLY D 291 -34.84 4.92 -1.73
N GLN D 292 -35.07 4.55 -3.00
CA GLN D 292 -36.43 4.45 -3.53
C GLN D 292 -37.28 3.60 -2.59
N TYR D 293 -36.68 2.55 -2.03
CA TYR D 293 -37.42 1.59 -1.20
C TYR D 293 -37.74 2.17 0.17
N LEU D 294 -36.79 2.91 0.76
CA LEU D 294 -37.03 3.57 2.05
C LEU D 294 -38.09 4.66 1.92
N LYS D 295 -38.04 5.41 0.82
CA LYS D 295 -39.02 6.45 0.52
C LYS D 295 -40.40 5.81 0.37
N ARG D 296 -40.47 4.73 -0.40
CA ARG D 296 -41.71 4.00 -0.60
C ARG D 296 -42.31 3.52 0.71
N LEU D 297 -41.48 3.21 1.69
CA LEU D 297 -41.95 2.71 2.98
C LEU D 297 -42.68 3.76 3.81
N LEU D 298 -42.55 5.02 3.41
CA LEU D 298 -43.25 6.10 4.08
C LEU D 298 -44.75 6.09 3.78
N THR D 299 -45.14 5.62 2.59
CA THR D 299 -46.56 5.61 2.20
C THR D 299 -47.25 4.25 2.11
N GLU D 300 -46.48 3.18 1.91
CA GLU D 300 -47.08 1.84 1.78
C GLU D 300 -47.33 1.15 3.11
N THR D 301 -48.56 0.64 3.27
CA THR D 301 -48.87 -0.26 4.36
C THR D 301 -48.37 -1.65 3.97
N VAL D 302 -47.45 -2.18 4.77
CA VAL D 302 -46.93 -3.53 4.60
C VAL D 302 -47.30 -4.33 5.85
N TYR D 303 -48.03 -5.42 5.65
CA TYR D 303 -48.48 -6.22 6.78
C TYR D 303 -47.39 -7.18 7.29
#